data_5N1T
#
_entry.id   5N1T
#
_cell.length_a   39.530
_cell.length_b   138.400
_cell.length_c   155.810
_cell.angle_alpha   90.00
_cell.angle_beta   90.00
_cell.angle_gamma   90.00
#
_symmetry.space_group_name_H-M   'P 21 21 21'
#
loop_
_entity.id
_entity.type
_entity.pdbx_description
1 polymer 'flavin-binding subunit of sulfide dehydrogenase'
2 polymer 'Cytochrome C'
3 polymer CopC
4 non-polymer 'FLAVIN-ADENINE DINUCLEOTIDE'
5 non-polymer 'HEME C'
6 non-polymer 'COPPER (II) ION'
7 non-polymer GLYCEROL
8 water water
#
loop_
_entity_poly.entity_id
_entity_poly.type
_entity_poly.pdbx_seq_one_letter_code
_entity_poly.pdbx_strand_id
1 'polypeptide(L)'
;MTAINRRRFLQLFGAGAATAASSLAYGHAMHDSGNKAQRVVVIGGGFGGSTCARYLRHFDPDLEVTLINPSDTYTTCPFS
NLVLGGERDLASITHDLSQLEHHHGVRLVQRWVESIDADGHRVVLDDGSAIGYDRLVVSPGIDLRWDAVEGYDQAAQEAM
PHAWRPGEQTLLLRRQLEAMSDGGVVVIAPPANPFR(CSS)PPGPYERASLIAHYLKHHKPRSKILILDAKDAFAKQGLF
QTGWETLYPGMIEWVPGIEGGTVERVDAATGEVFTPSGRYRGDVVNLIPPQHAGAIARNTGLTDDSGWCPVNQQTFESLQ
IPHIHVIGDASIAGAMPKAGFAANSQAKVCAAAVVAALHGFDPTEPSWSSTCYSLVGPEYGISVSAVYRLDNGSIVASEG
AGVSPGEADDHFRQLEAVYARGWYDNITAEMYG
;
A
2 'polypeptide(L)'
;MNRRFRYALLPTLALVVAGIAGSAGANDLRGALLAGNCYGCHGPNGDSQGGIPSLSGLDADQIAETMLAFRSGTRESTVM
QRQASGYSEDEIASIAQHIAQH
;
B
3 'polypeptide(L)'
;MYATKPGLARLAPAVLAAAVFVATPGTADAHAHLRAADPPEAIVDAAGLREIRLVFSEPVVDRFSTFRAFRLSLPENGIR
NLTQLNTLASELGVDTEESAHHEVELESDLSSQSAEVTLHSDEPLPAGAYAVVWRVLSVDGHTTTGFHAFVHAGGTASSH
;
M,W
#
# COMPACT_ATOMS: atom_id res chain seq x y z
N ALA A 37 18.74 43.61 9.18
CA ALA A 37 18.71 42.40 8.31
C ALA A 37 17.44 41.62 8.55
N GLN A 38 16.62 41.51 7.51
CA GLN A 38 15.35 40.79 7.58
C GLN A 38 15.42 39.25 7.73
N ARG A 39 14.53 38.70 8.57
CA ARG A 39 14.54 37.25 8.89
C ARG A 39 13.37 36.39 8.33
N VAL A 40 13.72 35.27 7.71
CA VAL A 40 12.76 34.23 7.33
C VAL A 40 13.14 32.91 8.00
N VAL A 41 12.16 32.36 8.70
CA VAL A 41 12.31 31.08 9.35
C VAL A 41 11.44 30.11 8.58
N VAL A 42 12.10 29.04 8.17
CA VAL A 42 11.47 27.92 7.50
C VAL A 42 11.44 26.67 8.43
N ILE A 43 10.22 26.14 8.62
CA ILE A 43 9.97 24.92 9.36
C ILE A 43 9.88 23.72 8.42
N GLY A 44 10.90 22.87 8.51
CA GLY A 44 10.96 21.61 7.84
C GLY A 44 11.94 21.57 6.71
N GLY A 45 12.68 20.48 6.60
CA GLY A 45 13.72 20.36 5.60
C GLY A 45 13.44 19.36 4.50
N GLY A 46 12.16 19.07 4.26
CA GLY A 46 11.74 18.21 3.17
C GLY A 46 11.59 18.93 1.84
N PHE A 47 10.74 18.39 0.96
CA PHE A 47 10.61 18.90 -0.41
C PHE A 47 10.31 20.42 -0.42
N GLY A 48 9.39 20.84 0.46
CA GLY A 48 8.96 22.21 0.52
C GLY A 48 10.00 23.10 1.14
N GLY A 49 10.35 22.85 2.41
CA GLY A 49 11.20 23.77 3.16
C GLY A 49 12.62 24.01 2.67
N SER A 50 13.31 22.94 2.32
CA SER A 50 14.66 23.04 1.85
C SER A 50 14.69 23.82 0.52
N THR A 51 13.82 23.46 -0.41
CA THR A 51 13.67 24.26 -1.64
C THR A 51 13.38 25.75 -1.30
N CYS A 52 12.51 26.02 -0.34
CA CYS A 52 12.21 27.40 0.06
C CYS A 52 13.47 28.06 0.59
N ALA A 53 14.12 27.45 1.57
CA ALA A 53 15.31 28.06 2.13
C ALA A 53 16.35 28.43 1.03
N ARG A 54 16.69 27.48 0.14
CA ARG A 54 17.64 27.72 -0.96
C ARG A 54 17.24 28.89 -1.86
N TYR A 55 15.95 28.98 -2.19
CA TYR A 55 15.48 29.97 -3.15
C TYR A 55 15.35 31.34 -2.55
N LEU A 56 15.09 31.37 -1.25
CA LEU A 56 15.07 32.59 -0.48
C LEU A 56 16.43 33.31 -0.56
N ARG A 57 17.50 32.61 -0.25
CA ARG A 57 18.85 33.11 -0.48
C ARG A 57 19.20 33.43 -1.95
N HIS A 58 18.62 32.69 -2.91
CA HIS A 58 18.80 32.99 -4.33
C HIS A 58 18.08 34.29 -4.69
N PHE A 59 16.91 34.52 -4.12
CA PHE A 59 16.12 35.67 -4.48
C PHE A 59 16.51 36.94 -3.74
N ASP A 60 16.93 36.78 -2.50
CA ASP A 60 17.45 37.90 -1.74
C ASP A 60 18.56 37.43 -0.81
N PRO A 61 19.82 37.46 -1.28
CA PRO A 61 20.95 37.02 -0.39
C PRO A 61 21.23 37.91 0.85
N ASP A 62 20.49 39.01 1.01
CA ASP A 62 20.51 39.81 2.24
C ASP A 62 19.65 39.26 3.38
N LEU A 63 19.01 38.10 3.22
CA LEU A 63 18.12 37.61 4.32
C LEU A 63 18.86 36.72 5.26
N GLU A 64 18.49 36.86 6.54
CA GLU A 64 18.90 35.92 7.59
C GLU A 64 17.84 34.81 7.53
N VAL A 65 18.22 33.69 6.91
CA VAL A 65 17.32 32.53 6.66
C VAL A 65 17.68 31.38 7.59
N THR A 66 16.71 30.99 8.41
CA THR A 66 16.92 29.88 9.32
C THR A 66 15.91 28.77 9.03
N LEU A 67 16.43 27.59 8.71
CA LEU A 67 15.62 26.40 8.48
C LEU A 67 15.76 25.42 9.65
N ILE A 68 14.59 25.00 10.16
CA ILE A 68 14.48 24.18 11.38
C ILE A 68 13.86 22.82 11.06
N ASN A 69 14.57 21.77 11.45
CA ASN A 69 14.19 20.44 11.12
C ASN A 69 14.79 19.53 12.20
N PRO A 70 14.07 18.48 12.64
CA PRO A 70 14.62 17.69 13.78
C PRO A 70 15.93 17.01 13.46
N SER A 71 16.36 17.02 12.22
CA SER A 71 17.49 16.19 11.88
C SER A 71 18.38 16.77 10.78
N ASP A 72 19.66 16.45 10.93
CA ASP A 72 20.72 16.68 9.97
C ASP A 72 20.46 15.96 8.63
N THR A 73 19.65 14.90 8.70
CA THR A 73 19.32 14.09 7.51
C THR A 73 17.83 14.04 7.15
N TYR A 74 17.55 13.83 5.87
CA TYR A 74 16.18 13.62 5.41
C TYR A 74 16.08 12.37 4.52
N THR A 75 15.14 11.50 4.88
CA THR A 75 14.84 10.36 4.03
C THR A 75 13.59 10.67 3.24
N THR A 76 13.64 10.37 1.93
CA THR A 76 12.56 10.65 0.99
C THR A 76 11.60 9.47 1.04
N CYS A 77 10.28 9.76 1.08
CA CYS A 77 9.23 8.73 0.84
C CYS A 77 9.31 8.30 -0.64
N PRO A 78 9.43 9.26 -1.58
CA PRO A 78 9.77 8.84 -2.95
C PRO A 78 10.96 7.91 -2.97
N PHE A 79 10.85 6.89 -3.77
CA PHE A 79 11.87 5.85 -3.87
C PHE A 79 11.98 4.86 -2.71
N SER A 80 11.36 5.18 -1.56
CA SER A 80 11.16 4.20 -0.49
C SER A 80 10.42 2.96 -1.02
N ASN A 81 9.60 3.08 -2.07
CA ASN A 81 9.06 1.82 -2.63
C ASN A 81 10.16 0.87 -3.11
N LEU A 82 11.19 1.40 -3.76
CA LEU A 82 12.35 0.59 -4.12
C LEU A 82 13.03 -0.05 -2.90
N VAL A 83 12.97 0.60 -1.73
CA VAL A 83 13.42 -0.06 -0.47
C VAL A 83 12.47 -1.22 -0.18
N LEU A 84 11.18 -1.00 -0.29
CA LEU A 84 10.25 -2.08 -0.01
C LEU A 84 10.47 -3.21 -1.00
N GLY A 85 10.75 -2.86 -2.26
CA GLY A 85 11.04 -3.86 -3.26
C GLY A 85 12.45 -4.42 -3.21
N GLY A 86 13.21 -4.08 -2.17
CA GLY A 86 14.60 -4.53 -1.96
C GLY A 86 15.59 -4.18 -3.08
N GLU A 87 15.42 -3.02 -3.73
CA GLU A 87 16.33 -2.53 -4.78
C GLU A 87 17.43 -1.59 -4.24
N ARG A 88 17.13 -0.90 -3.13
CA ARG A 88 18.06 0.01 -2.45
C ARG A 88 17.89 -0.15 -0.96
N ASP A 89 18.67 0.62 -0.19
CA ASP A 89 18.41 0.72 1.26
C ASP A 89 18.08 2.15 1.68
N LEU A 90 17.75 2.34 2.96
CA LEU A 90 17.42 3.65 3.43
C LEU A 90 18.54 4.66 3.26
N ALA A 91 19.81 4.23 3.34
CA ALA A 91 20.95 5.16 3.20
C ALA A 91 20.93 5.83 1.82
N SER A 92 20.78 5.02 0.78
CA SER A 92 20.65 5.48 -0.59
C SER A 92 19.48 6.43 -0.90
N ILE A 93 18.54 6.61 0.03
CA ILE A 93 17.49 7.61 -0.19
C ILE A 93 17.47 8.62 0.93
N THR A 94 18.56 8.67 1.71
CA THR A 94 18.79 9.66 2.77
C THR A 94 19.79 10.75 2.33
N HIS A 95 19.54 11.99 2.74
CA HIS A 95 20.33 13.14 2.25
C HIS A 95 20.75 14.03 3.41
N ASP A 96 21.92 14.66 3.25
CA ASP A 96 22.44 15.63 4.23
C ASP A 96 21.86 17.01 3.89
N LEU A 97 21.31 17.68 4.90
CA LEU A 97 20.90 19.09 4.81
C LEU A 97 22.03 20.13 5.01
N SER A 98 23.26 19.64 5.29
CA SER A 98 24.40 20.48 5.70
C SER A 98 24.76 21.48 4.60
N GLN A 99 24.80 20.99 3.37
CA GLN A 99 24.94 21.84 2.20
C GLN A 99 24.13 23.15 2.24
N LEU A 100 22.97 23.18 2.90
CA LEU A 100 22.20 24.43 2.92
C LEU A 100 22.87 25.55 3.70
N GLU A 101 23.66 25.15 4.71
CA GLU A 101 24.41 26.04 5.61
C GLU A 101 25.80 26.22 5.02
N HIS A 102 26.43 25.12 4.60
CA HIS A 102 27.80 25.16 4.16
C HIS A 102 27.87 25.97 2.87
N HIS A 103 26.94 25.72 1.94
CA HIS A 103 26.99 26.39 0.63
C HIS A 103 26.11 27.62 0.49
N HIS A 104 24.86 27.56 0.94
CA HIS A 104 23.87 28.62 0.66
C HIS A 104 23.57 29.53 1.87
N GLY A 105 24.31 29.29 2.96
CA GLY A 105 24.29 30.16 4.15
C GLY A 105 22.95 30.23 4.83
N VAL A 106 22.28 29.08 4.91
CA VAL A 106 21.05 28.93 5.64
C VAL A 106 21.46 28.35 6.97
N ARG A 107 21.20 29.07 8.05
CA ARG A 107 21.41 28.54 9.39
C ARG A 107 20.50 27.32 9.65
N LEU A 108 21.14 26.18 9.85
CA LEU A 108 20.46 24.93 10.01
C LEU A 108 20.32 24.55 11.49
N VAL A 109 19.11 24.69 12.05
CA VAL A 109 18.76 24.34 13.45
C VAL A 109 18.18 22.90 13.56
N GLN A 110 18.88 21.99 14.22
CA GLN A 110 18.35 20.65 14.45
C GLN A 110 17.48 20.58 15.70
N ARG A 111 16.25 21.04 15.60
CA ARG A 111 15.28 21.01 16.71
C ARG A 111 13.88 20.71 16.18
N TRP A 112 12.95 20.46 17.12
CA TRP A 112 11.52 20.39 16.86
C TRP A 112 10.93 21.74 17.12
N VAL A 113 10.06 22.25 16.28
CA VAL A 113 9.32 23.44 16.63
C VAL A 113 8.08 22.98 17.38
N GLU A 114 7.96 23.39 18.64
CA GLU A 114 6.81 23.05 19.50
C GLU A 114 5.62 24.01 19.42
N SER A 115 5.91 25.31 19.26
CA SER A 115 4.87 26.33 19.36
C SER A 115 5.19 27.46 18.39
N ILE A 116 4.15 28.10 17.87
CA ILE A 116 4.30 29.29 17.05
C ILE A 116 3.63 30.47 17.76
N ASP A 117 4.46 31.45 18.14
CA ASP A 117 3.97 32.74 18.67
C ASP A 117 3.77 33.64 17.47
N ALA A 118 2.53 33.66 16.97
CA ALA A 118 2.16 34.44 15.79
C ALA A 118 2.27 35.93 16.00
N ASP A 119 1.79 36.40 17.15
CA ASP A 119 1.83 37.81 17.53
C ASP A 119 3.26 38.29 17.75
N GLY A 120 3.99 37.60 18.64
CA GLY A 120 5.37 37.93 18.96
C GLY A 120 6.40 37.57 17.89
N HIS A 121 5.92 37.09 16.73
CA HIS A 121 6.74 36.73 15.54
C HIS A 121 7.96 35.86 15.87
N ARG A 122 7.72 34.93 16.78
CA ARG A 122 8.71 34.03 17.32
C ARG A 122 8.25 32.55 17.15
N VAL A 123 9.22 31.65 17.22
CA VAL A 123 9.05 30.22 17.08
C VAL A 123 9.73 29.64 18.35
N VAL A 124 9.02 28.76 19.08
CA VAL A 124 9.60 28.11 20.29
C VAL A 124 10.03 26.69 19.96
N LEU A 125 11.23 26.32 20.40
CA LEU A 125 11.76 24.99 20.17
C LEU A 125 11.58 24.01 21.35
N ASP A 126 12.02 22.77 21.19
CA ASP A 126 11.85 21.70 22.19
C ASP A 126 12.82 21.88 23.34
N ASP A 127 13.93 22.59 23.08
CA ASP A 127 14.98 22.86 24.08
C ASP A 127 14.63 24.07 24.93
N GLY A 128 13.47 24.68 24.64
CA GLY A 128 13.03 25.90 25.29
C GLY A 128 13.49 27.20 24.61
N SER A 129 14.48 27.13 23.70
CA SER A 129 14.97 28.35 23.01
C SER A 129 13.88 28.97 22.09
N ALA A 130 14.08 30.22 21.70
CA ALA A 130 13.19 30.91 20.74
C ALA A 130 13.97 31.51 19.56
N ILE A 131 13.29 31.74 18.44
CA ILE A 131 13.89 32.20 17.17
C ILE A 131 12.85 33.09 16.46
N GLY A 132 13.22 34.33 16.16
CA GLY A 132 12.25 35.34 15.68
C GLY A 132 12.26 35.44 14.17
N TYR A 133 11.13 35.90 13.63
CA TYR A 133 10.86 35.80 12.19
C TYR A 133 10.15 37.06 11.75
N ASP A 134 10.45 37.52 10.54
CA ASP A 134 9.66 38.62 9.96
C ASP A 134 8.59 38.02 9.11
N ARG A 135 8.86 36.81 8.64
CA ARG A 135 8.00 36.03 7.76
C ARG A 135 8.32 34.58 7.99
N LEU A 136 7.28 33.78 8.18
CA LEU A 136 7.45 32.35 8.50
C LEU A 136 6.94 31.39 7.38
N VAL A 137 7.80 30.47 6.97
CA VAL A 137 7.40 29.41 6.06
C VAL A 137 7.26 28.07 6.81
N VAL A 138 6.07 27.49 6.71
CA VAL A 138 5.70 26.26 7.39
C VAL A 138 5.49 25.17 6.32
N SER A 139 6.33 24.13 6.35
CA SER A 139 6.16 23.02 5.43
C SER A 139 6.40 21.73 6.14
N PRO A 140 5.42 21.27 7.00
CA PRO A 140 5.63 20.17 7.94
C PRO A 140 5.23 18.81 7.44
N GLY A 141 4.62 18.73 6.27
CA GLY A 141 4.22 17.44 5.74
C GLY A 141 2.93 16.97 6.34
N ILE A 142 2.81 15.66 6.46
CA ILE A 142 1.57 15.02 6.93
C ILE A 142 1.70 14.35 8.31
N ASP A 143 0.56 14.26 8.98
CA ASP A 143 0.31 13.31 10.04
C ASP A 143 -0.79 12.37 9.64
N LEU A 144 -0.74 11.17 10.21
CA LEU A 144 -1.77 10.13 10.04
C LEU A 144 -2.91 10.31 11.01
N ARG A 145 -4.15 10.21 10.53
CA ARG A 145 -5.30 10.41 11.41
C ARG A 145 -5.55 9.16 12.26
N TRP A 146 -5.21 9.23 13.53
CA TRP A 146 -5.23 8.05 14.39
C TRP A 146 -6.66 7.61 14.82
N ASP A 147 -7.60 8.53 14.71
CA ASP A 147 -8.98 8.29 15.09
C ASP A 147 -9.87 7.98 13.88
N ALA A 148 -9.34 7.45 12.79
CA ALA A 148 -10.10 7.46 11.55
C ALA A 148 -10.58 6.10 11.10
N VAL A 149 -9.67 5.12 11.16
CA VAL A 149 -9.96 3.73 10.89
C VAL A 149 -9.93 3.05 12.26
N GLU A 150 -11.10 2.58 12.68
CA GLU A 150 -11.28 1.86 13.90
C GLU A 150 -10.21 0.78 14.01
N GLY A 151 -9.53 0.75 15.14
CA GLY A 151 -8.47 -0.23 15.34
C GLY A 151 -7.08 0.31 15.11
N TYR A 152 -6.97 1.42 14.39
CA TYR A 152 -5.64 1.89 13.94
C TYR A 152 -5.26 3.19 14.58
N ASP A 153 -4.57 3.06 15.70
CA ASP A 153 -4.14 4.19 16.49
C ASP A 153 -2.62 4.16 16.42
N GLN A 154 -1.96 5.02 17.19
CA GLN A 154 -0.51 5.03 17.21
C GLN A 154 0.10 3.65 17.48
N ALA A 155 -0.46 2.91 18.43
CA ALA A 155 0.04 1.60 18.80
C ALA A 155 -0.06 0.52 17.69
N ALA A 156 -1.06 0.64 16.81
CA ALA A 156 -1.21 -0.31 15.69
C ALA A 156 -0.10 -0.21 14.61
N GLN A 157 0.69 0.86 14.61
CA GLN A 157 1.65 1.11 13.53
C GLN A 157 2.90 0.22 13.53
N GLU A 158 3.15 -0.49 14.63
CA GLU A 158 4.32 -1.39 14.67
C GLU A 158 4.03 -2.68 13.94
N ALA A 159 2.80 -3.19 14.07
CA ALA A 159 2.40 -4.45 13.40
C ALA A 159 1.82 -4.23 12.02
N MET A 160 1.07 -3.13 11.86
CA MET A 160 0.35 -2.79 10.63
C MET A 160 0.92 -1.45 10.08
N PRO A 161 2.18 -1.45 9.62
CA PRO A 161 2.79 -0.17 9.25
C PRO A 161 2.07 0.53 8.10
N HIS A 162 2.00 1.86 8.16
CA HIS A 162 1.59 2.68 7.04
C HIS A 162 2.79 2.93 6.11
N ALA A 163 3.93 3.35 6.67
CA ALA A 163 5.09 3.76 5.88
C ALA A 163 4.80 4.95 4.98
N TRP A 164 3.77 5.71 5.29
CA TRP A 164 3.50 6.97 4.59
C TRP A 164 4.38 8.15 5.04
N ARG A 165 5.01 7.99 6.20
CA ARG A 165 6.22 8.72 6.62
C ARG A 165 7.39 7.76 6.67
N PRO A 166 8.47 8.08 5.94
CA PRO A 166 9.53 7.13 5.65
C PRO A 166 10.58 7.07 6.77
N GLY A 167 11.33 5.99 6.82
CA GLY A 167 12.38 5.80 7.79
C GLY A 167 12.13 4.49 8.50
N GLU A 168 12.00 4.62 9.82
CA GLU A 168 11.62 3.56 10.73
C GLU A 168 10.49 2.63 10.17
N GLN A 169 9.39 3.23 9.69
CA GLN A 169 8.26 2.48 9.14
C GLN A 169 8.60 1.70 7.85
N THR A 170 9.34 2.32 6.90
CA THR A 170 9.77 1.66 5.65
C THR A 170 10.52 0.40 6.04
N LEU A 171 11.26 0.52 7.12
CA LEU A 171 12.21 -0.49 7.51
C LEU A 171 11.44 -1.64 8.11
N LEU A 172 10.48 -1.30 8.95
CA LEU A 172 9.59 -2.27 9.55
C LEU A 172 8.82 -3.06 8.50
N LEU A 173 8.22 -2.41 7.51
CA LEU A 173 7.45 -3.12 6.48
C LEU A 173 8.32 -4.05 5.65
N ARG A 174 9.51 -3.60 5.27
CA ARG A 174 10.40 -4.43 4.45
C ARG A 174 10.79 -5.71 5.20
N ARG A 175 11.15 -5.57 6.48
CA ARG A 175 11.51 -6.68 7.35
C ARG A 175 10.32 -7.66 7.43
N GLN A 176 9.10 -7.11 7.52
CA GLN A 176 7.92 -7.97 7.37
C GLN A 176 7.88 -8.76 6.03
N LEU A 177 8.10 -8.09 4.89
CA LEU A 177 8.06 -8.75 3.56
C LEU A 177 9.13 -9.80 3.40
N GLU A 178 10.24 -9.59 4.10
CA GLU A 178 11.37 -10.49 4.07
C GLU A 178 11.06 -11.74 4.91
N ALA A 179 10.41 -11.54 6.04
CA ALA A 179 10.05 -12.64 6.90
C ALA A 179 8.83 -13.41 6.40
N MET A 180 8.03 -12.82 5.52
CA MET A 180 6.82 -13.50 5.04
C MET A 180 7.20 -14.72 4.24
N SER A 181 6.56 -15.84 4.55
CA SER A 181 6.80 -17.08 3.83
C SER A 181 6.09 -17.04 2.47
N ASP A 182 6.78 -17.59 1.48
CA ASP A 182 6.31 -17.71 0.12
C ASP A 182 4.90 -18.22 0.15
N GLY A 183 4.03 -17.59 -0.62
CA GLY A 183 2.64 -18.05 -0.66
C GLY A 183 1.72 -17.18 0.16
N GLY A 184 2.29 -16.29 0.97
CA GLY A 184 1.53 -15.30 1.75
C GLY A 184 0.90 -14.17 0.94
N VAL A 185 0.06 -13.39 1.63
CA VAL A 185 -0.78 -12.35 1.06
C VAL A 185 -0.39 -11.02 1.69
N VAL A 186 0.04 -10.08 0.87
CA VAL A 186 0.30 -8.70 1.32
C VAL A 186 -0.96 -7.89 1.08
N VAL A 187 -1.43 -7.18 2.09
CA VAL A 187 -2.65 -6.39 1.94
C VAL A 187 -2.25 -4.93 2.01
N ILE A 188 -2.74 -4.18 1.02
CA ILE A 188 -2.46 -2.77 0.94
C ILE A 188 -3.82 -2.08 0.90
N ALA A 189 -4.04 -1.19 1.88
CA ALA A 189 -5.28 -0.50 2.08
C ALA A 189 -5.11 1.02 1.94
N PRO A 190 -5.23 1.55 0.71
CA PRO A 190 -5.07 2.98 0.54
C PRO A 190 -6.33 3.75 0.91
N PRO A 191 -6.17 5.04 1.26
CA PRO A 191 -7.35 5.74 1.77
C PRO A 191 -8.13 6.50 0.67
N ALA A 192 -9.16 7.22 1.10
CA ALA A 192 -9.91 8.15 0.26
C ALA A 192 -9.10 9.42 0.02
N ASN A 193 -9.29 10.05 -1.13
CA ASN A 193 -8.72 11.37 -1.33
C ASN A 193 -9.18 12.37 -0.24
N PRO A 194 -8.37 13.39 0.05
CA PRO A 194 -7.01 13.57 -0.52
C PRO A 194 -5.92 12.96 0.39
N PHE A 195 -4.82 12.55 -0.22
CA PHE A 195 -3.71 11.97 0.54
C PHE A 195 -2.38 12.16 -0.21
N ARG A 196 -1.28 11.91 0.50
CA ARG A 196 0.05 12.12 -0.02
C ARG A 196 0.34 11.08 -1.10
N PRO A 198 -0.93 10.37 -4.74
CA PRO A 198 -2.02 9.46 -5.09
C PRO A 198 -1.62 8.16 -5.86
N PRO A 199 -0.55 8.17 -6.66
CA PRO A 199 -0.21 6.82 -7.22
C PRO A 199 0.56 5.92 -6.27
N GLY A 200 1.14 6.52 -5.24
CA GLY A 200 2.13 5.90 -4.38
C GLY A 200 1.76 4.50 -3.93
N PRO A 201 0.48 4.27 -3.49
CA PRO A 201 0.10 2.91 -3.03
C PRO A 201 0.13 1.88 -4.14
N TYR A 202 -0.07 2.33 -5.39
CA TYR A 202 -0.16 1.45 -6.58
C TYR A 202 1.23 1.14 -7.16
N GLU A 203 2.16 2.09 -7.07
CA GLU A 203 3.58 1.78 -7.22
C GLU A 203 4.06 0.86 -6.06
N ARG A 204 3.60 1.12 -4.83
CA ARG A 204 3.97 0.24 -3.75
C ARG A 204 3.58 -1.22 -4.10
N ALA A 205 2.34 -1.43 -4.54
CA ALA A 205 1.91 -2.74 -4.97
C ALA A 205 2.82 -3.34 -6.07
N SER A 206 3.05 -2.54 -7.11
CA SER A 206 3.91 -2.87 -8.23
C SER A 206 5.28 -3.36 -7.82
N LEU A 207 5.99 -2.58 -6.99
CA LEU A 207 7.34 -2.94 -6.57
C LEU A 207 7.36 -4.10 -5.54
N ILE A 208 6.42 -4.15 -4.60
CA ILE A 208 6.31 -5.33 -3.74
C ILE A 208 6.12 -6.56 -4.63
N ALA A 209 5.31 -6.41 -5.69
CA ALA A 209 5.10 -7.52 -6.65
C ALA A 209 6.41 -7.91 -7.29
N HIS A 210 7.24 -6.92 -7.62
CA HIS A 210 8.54 -7.17 -8.24
C HIS A 210 9.44 -8.01 -7.31
N TYR A 211 9.38 -7.69 -6.02
CA TYR A 211 10.14 -8.41 -5.04
C TYR A 211 9.56 -9.82 -4.91
N LEU A 212 8.23 -9.92 -4.79
CA LEU A 212 7.55 -11.23 -4.72
C LEU A 212 7.81 -12.13 -5.93
N LYS A 213 7.68 -11.57 -7.14
CA LYS A 213 7.93 -12.32 -8.40
C LYS A 213 9.29 -13.00 -8.46
N HIS A 214 10.32 -12.43 -7.87
CA HIS A 214 11.69 -12.98 -7.94
C HIS A 214 12.17 -13.72 -6.68
N HIS A 215 11.41 -13.63 -5.58
CA HIS A 215 11.81 -14.25 -4.31
C HIS A 215 10.72 -15.09 -3.66
N LYS A 216 9.46 -14.77 -3.96
CA LYS A 216 8.29 -15.41 -3.30
C LYS A 216 7.14 -15.60 -4.28
N PRO A 217 7.38 -16.31 -5.41
CA PRO A 217 6.49 -16.25 -6.61
C PRO A 217 5.05 -16.73 -6.38
N ARG A 218 4.87 -17.47 -5.31
CA ARG A 218 3.54 -17.92 -4.96
C ARG A 218 2.73 -16.83 -4.32
N SER A 219 3.41 -15.86 -3.69
CA SER A 219 2.76 -14.81 -2.90
C SER A 219 1.78 -13.93 -3.69
N LYS A 220 0.78 -13.40 -3.01
CA LYS A 220 -0.28 -12.58 -3.63
C LYS A 220 -0.40 -11.17 -3.01
N ILE A 221 -0.87 -10.20 -3.80
CA ILE A 221 -1.14 -8.84 -3.29
C ILE A 221 -2.61 -8.56 -3.51
N LEU A 222 -3.19 -7.93 -2.50
CA LEU A 222 -4.59 -7.64 -2.39
C LEU A 222 -4.78 -6.17 -1.96
N ILE A 223 -5.38 -5.37 -2.84
CA ILE A 223 -5.60 -3.96 -2.56
C ILE A 223 -7.05 -3.73 -2.19
N LEU A 224 -7.24 -3.30 -0.94
CA LEU A 224 -8.54 -2.96 -0.41
C LEU A 224 -8.67 -1.42 -0.38
N ASP A 225 -9.31 -0.92 -1.42
CA ASP A 225 -9.35 0.48 -1.71
C ASP A 225 -10.64 1.08 -1.20
N ALA A 226 -10.52 2.28 -0.61
CA ALA A 226 -11.67 3.12 -0.22
C ALA A 226 -12.30 3.82 -1.43
N LYS A 227 -11.56 3.85 -2.55
CA LYS A 227 -11.91 4.64 -3.74
C LYS A 227 -12.41 3.72 -4.85
N ASP A 228 -13.12 4.29 -5.83
CA ASP A 228 -13.60 3.51 -6.97
C ASP A 228 -12.76 3.73 -8.21
N ALA A 229 -11.63 4.42 -8.04
CA ALA A 229 -10.74 4.85 -9.11
C ALA A 229 -9.42 5.33 -8.48
N PHE A 230 -8.31 5.03 -9.14
CA PHE A 230 -7.01 5.56 -8.74
C PHE A 230 -6.13 6.15 -9.87
N ALA A 231 -5.13 6.95 -9.46
CA ALA A 231 -4.15 7.62 -10.35
C ALA A 231 -3.42 6.64 -11.26
N LYS A 232 -3.49 6.94 -12.55
CA LYS A 232 -2.85 6.15 -13.62
C LYS A 232 -3.37 4.72 -13.57
N GLN A 233 -4.65 4.55 -13.25
CA GLN A 233 -5.28 3.21 -13.12
C GLN A 233 -5.07 2.34 -14.36
N GLY A 234 -5.40 2.87 -15.56
CA GLY A 234 -5.19 2.19 -16.87
C GLY A 234 -3.76 1.70 -17.04
N LEU A 235 -2.85 2.62 -16.80
CA LEU A 235 -1.42 2.33 -16.89
C LEU A 235 -0.92 1.26 -15.90
N PHE A 236 -1.26 1.42 -14.62
CA PHE A 236 -0.86 0.43 -13.62
C PHE A 236 -1.41 -0.92 -14.00
N GLN A 237 -2.71 -0.98 -14.30
CA GLN A 237 -3.34 -2.27 -14.54
C GLN A 237 -2.73 -3.00 -15.75
N THR A 238 -2.47 -2.26 -16.86
CA THR A 238 -1.77 -2.82 -18.02
C THR A 238 -0.35 -3.28 -17.63
N GLY A 239 0.38 -2.45 -16.87
CA GLY A 239 1.67 -2.83 -16.32
C GLY A 239 1.63 -4.14 -15.51
N TRP A 240 0.59 -4.31 -14.67
CA TRP A 240 0.43 -5.48 -13.77
C TRP A 240 0.12 -6.73 -14.56
N GLU A 241 -0.83 -6.60 -15.49
CA GLU A 241 -1.17 -7.65 -16.45
C GLU A 241 0.11 -8.17 -17.13
N THR A 242 1.00 -7.29 -17.54
CA THR A 242 2.20 -7.77 -18.24
C THR A 242 3.42 -8.12 -17.37
N LEU A 243 3.64 -7.44 -16.26
CA LEU A 243 4.79 -7.80 -15.40
C LEU A 243 4.42 -8.83 -14.36
N TYR A 244 3.21 -8.75 -13.81
CA TYR A 244 2.88 -9.61 -12.65
C TYR A 244 1.53 -10.28 -12.83
N PRO A 245 1.35 -11.03 -13.94
CA PRO A 245 -0.03 -11.47 -14.18
C PRO A 245 -0.46 -12.43 -13.07
N GLY A 246 -1.72 -12.25 -12.66
CA GLY A 246 -2.25 -12.99 -11.53
C GLY A 246 -1.78 -12.70 -10.11
N MET A 247 -0.70 -11.94 -9.96
CA MET A 247 -0.22 -11.52 -8.63
C MET A 247 -1.14 -10.58 -7.82
N ILE A 248 -1.85 -9.67 -8.48
CA ILE A 248 -2.44 -8.48 -7.82
C ILE A 248 -3.96 -8.40 -8.00
N GLU A 249 -4.70 -8.32 -6.89
CA GLU A 249 -6.11 -8.17 -6.97
C GLU A 249 -6.43 -6.81 -6.43
N TRP A 250 -7.29 -6.09 -7.15
CA TRP A 250 -7.76 -4.77 -6.73
C TRP A 250 -9.27 -4.73 -6.49
N VAL A 251 -9.68 -4.45 -5.25
CA VAL A 251 -11.09 -4.40 -4.90
C VAL A 251 -11.56 -2.96 -4.64
N PRO A 252 -12.40 -2.37 -5.52
CA PRO A 252 -12.77 -0.96 -5.23
C PRO A 252 -13.75 -0.83 -4.05
N GLY A 253 -13.89 0.39 -3.52
CA GLY A 253 -14.83 0.69 -2.42
C GLY A 253 -16.26 0.26 -2.73
N ILE A 254 -16.67 0.46 -3.99
CA ILE A 254 -18.03 0.12 -4.49
C ILE A 254 -18.28 -1.39 -4.49
N GLU A 255 -17.22 -2.20 -4.49
CA GLU A 255 -17.36 -3.64 -4.36
C GLU A 255 -17.00 -4.13 -2.95
N GLY A 256 -17.02 -3.22 -2.00
CA GLY A 256 -16.73 -3.56 -0.61
C GLY A 256 -15.24 -3.59 -0.28
N GLY A 257 -14.45 -2.80 -0.99
CA GLY A 257 -13.03 -2.65 -0.68
C GLY A 257 -12.63 -1.81 0.55
N THR A 258 -13.54 -0.99 1.09
CA THR A 258 -13.23 -0.04 2.17
C THR A 258 -12.94 -0.70 3.51
N VAL A 259 -11.85 -0.26 4.13
CA VAL A 259 -11.50 -0.69 5.47
C VAL A 259 -12.30 0.07 6.54
N GLU A 260 -13.20 -0.64 7.20
CA GLU A 260 -13.99 -0.11 8.32
C GLU A 260 -13.29 -0.32 9.68
N ARG A 261 -12.53 -1.40 9.78
CA ARG A 261 -11.88 -1.74 11.03
C ARG A 261 -10.70 -2.62 10.71
N VAL A 262 -9.69 -2.56 11.57
CA VAL A 262 -8.54 -3.44 11.48
C VAL A 262 -8.24 -3.98 12.85
N ASP A 263 -7.54 -5.11 12.92
CA ASP A 263 -7.05 -5.73 14.16
C ASP A 263 -5.56 -5.98 14.08
N ALA A 264 -4.78 -5.06 14.68
CA ALA A 264 -3.29 -5.06 14.63
C ALA A 264 -2.66 -6.33 15.22
N ALA A 265 -3.32 -6.86 16.24
CA ALA A 265 -2.97 -8.13 16.83
C ALA A 265 -3.03 -9.25 15.79
N THR A 266 -4.13 -9.33 15.03
CA THR A 266 -4.35 -10.51 14.17
C THR A 266 -4.12 -10.41 12.62
N GLY A 267 -3.62 -9.27 12.12
CA GLY A 267 -3.45 -9.08 10.66
C GLY A 267 -4.76 -9.16 9.88
N GLU A 268 -5.80 -8.60 10.48
CA GLU A 268 -7.13 -8.71 9.95
C GLU A 268 -7.68 -7.36 9.64
N VAL A 269 -8.34 -7.31 8.49
CA VAL A 269 -8.91 -6.09 7.97
C VAL A 269 -10.38 -6.42 7.74
N PHE A 270 -11.25 -5.48 8.07
CA PHE A 270 -12.70 -5.71 8.05
C PHE A 270 -13.32 -4.74 7.06
N THR A 271 -14.16 -5.27 6.18
CA THR A 271 -14.67 -4.49 5.05
C THR A 271 -16.10 -4.91 4.84
N PRO A 272 -16.90 -4.06 4.13
CA PRO A 272 -18.25 -4.50 3.83
C PRO A 272 -18.29 -5.78 2.96
N SER A 273 -17.20 -6.17 2.28
CA SER A 273 -17.18 -7.48 1.58
C SER A 273 -16.67 -8.61 2.47
N GLY A 274 -16.55 -8.37 3.77
CA GLY A 274 -15.98 -9.40 4.62
C GLY A 274 -14.69 -9.07 5.29
N ARG A 275 -14.22 -10.06 6.03
CA ARG A 275 -13.02 -10.02 6.81
C ARG A 275 -11.89 -10.62 5.92
N TYR A 276 -10.71 -10.02 5.93
CA TYR A 276 -9.54 -10.56 5.19
C TYR A 276 -8.36 -10.64 6.12
N ARG A 277 -7.47 -11.58 5.87
CA ARG A 277 -6.25 -11.59 6.67
C ARG A 277 -5.03 -11.49 5.83
N GLY A 278 -4.09 -10.70 6.32
CA GLY A 278 -2.88 -10.51 5.60
C GLY A 278 -1.74 -11.03 6.44
N ASP A 279 -0.79 -11.69 5.76
CA ASP A 279 0.46 -12.10 6.41
C ASP A 279 1.32 -10.87 6.67
N VAL A 280 1.18 -9.89 5.79
CA VAL A 280 1.68 -8.54 5.98
C VAL A 280 0.52 -7.65 5.57
N VAL A 281 0.25 -6.62 6.38
CA VAL A 281 -0.70 -5.60 5.96
C VAL A 281 -0.21 -4.19 6.12
N ASN A 282 -0.27 -3.50 4.99
CA ASN A 282 0.07 -2.12 4.91
C ASN A 282 -1.21 -1.30 4.95
N LEU A 283 -1.54 -0.79 6.13
CA LEU A 283 -2.70 0.07 6.22
C LEU A 283 -2.26 1.52 6.04
N ILE A 284 -2.91 2.25 5.13
CA ILE A 284 -2.55 3.67 4.92
C ILE A 284 -3.75 4.54 5.30
N PRO A 285 -3.72 5.13 6.52
CA PRO A 285 -4.92 5.76 7.02
C PRO A 285 -5.12 7.12 6.36
N PRO A 286 -6.35 7.67 6.39
CA PRO A 286 -6.47 9.05 5.94
C PRO A 286 -5.54 9.97 6.73
N GLN A 287 -5.24 11.14 6.15
CA GLN A 287 -4.13 12.00 6.59
C GLN A 287 -4.62 13.42 6.91
N HIS A 288 -3.77 14.21 7.57
CA HIS A 288 -4.00 15.66 7.67
C HIS A 288 -2.64 16.35 7.85
N ALA A 289 -2.65 17.69 7.97
CA ALA A 289 -1.45 18.50 8.15
C ALA A 289 -0.67 18.15 9.40
N GLY A 290 0.64 18.32 9.34
CA GLY A 290 1.54 18.10 10.48
C GLY A 290 1.10 18.83 11.75
N ALA A 291 1.38 18.20 12.89
CA ALA A 291 1.02 18.72 14.21
C ALA A 291 1.18 20.27 14.32
N ILE A 292 2.34 20.81 13.93
CA ILE A 292 2.60 22.24 14.11
C ILE A 292 1.60 23.16 13.42
N ALA A 293 1.16 22.77 12.23
CA ALA A 293 0.14 23.48 11.49
C ALA A 293 -1.21 23.39 12.19
N ARG A 294 -1.57 22.20 12.65
CA ARG A 294 -2.86 21.95 13.34
C ARG A 294 -2.92 22.76 14.67
N ASN A 295 -1.95 22.49 15.54
CA ASN A 295 -1.81 23.13 16.84
C ASN A 295 -1.76 24.63 16.77
N THR A 296 -1.06 25.17 15.78
CA THR A 296 -0.91 26.63 15.58
C THR A 296 -2.20 27.31 15.07
N GLY A 297 -3.20 26.55 14.63
CA GLY A 297 -4.43 27.13 14.04
C GLY A 297 -4.36 27.53 12.56
N LEU A 298 -3.32 27.10 11.85
CA LEU A 298 -3.18 27.28 10.37
C LEU A 298 -4.10 26.45 9.48
N THR A 299 -4.62 25.34 10.04
CA THR A 299 -5.53 24.36 9.37
C THR A 299 -6.99 24.79 9.52
N ASP A 300 -7.86 24.48 8.56
CA ASP A 300 -9.28 24.71 8.78
C ASP A 300 -10.01 23.39 9.10
N ASP A 301 -11.33 23.33 8.91
CA ASP A 301 -12.10 22.11 9.23
C ASP A 301 -11.58 20.81 8.64
N SER A 302 -11.27 20.82 7.35
CA SER A 302 -10.68 19.67 6.64
C SER A 302 -9.36 19.12 7.19
N GLY A 303 -8.67 19.83 8.09
CA GLY A 303 -7.37 19.37 8.60
C GLY A 303 -6.17 19.75 7.73
N TRP A 304 -6.46 20.46 6.63
CA TRP A 304 -5.44 21.10 5.77
C TRP A 304 -5.45 22.66 5.88
N CYS A 305 -4.37 23.31 5.40
CA CYS A 305 -4.18 24.77 5.60
C CYS A 305 -4.60 25.59 4.42
N PRO A 306 -5.67 26.40 4.55
CA PRO A 306 -6.02 27.36 3.47
C PRO A 306 -5.04 28.52 3.46
N VAL A 307 -4.71 28.90 2.22
CA VAL A 307 -3.62 29.80 1.87
C VAL A 307 -4.00 30.56 0.61
N ASN A 308 -3.58 31.83 0.58
CA ASN A 308 -3.58 32.65 -0.62
C ASN A 308 -2.97 31.88 -1.80
N GLN A 309 -3.78 31.59 -2.81
CA GLN A 309 -3.28 30.79 -3.95
C GLN A 309 -2.11 31.41 -4.76
N GLN A 310 -1.82 32.69 -4.54
CA GLN A 310 -0.76 33.37 -5.25
C GLN A 310 0.54 33.43 -4.47
N THR A 311 0.39 33.64 -3.16
CA THR A 311 1.52 33.89 -2.27
C THR A 311 1.78 32.74 -1.28
N PHE A 312 0.80 31.86 -1.13
CA PHE A 312 0.83 30.78 -0.14
C PHE A 312 0.98 31.31 1.30
N GLU A 313 0.64 32.58 1.47
CA GLU A 313 0.38 33.10 2.80
C GLU A 313 -0.94 32.51 3.29
N SER A 314 -0.95 32.14 4.57
CA SER A 314 -2.09 31.54 5.24
C SER A 314 -3.29 32.47 5.29
N LEU A 315 -4.44 31.99 4.83
CA LEU A 315 -5.67 32.78 4.90
C LEU A 315 -6.13 32.94 6.36
N GLN A 316 -5.34 32.45 7.31
CA GLN A 316 -5.74 32.45 8.71
C GLN A 316 -4.82 33.16 9.69
N ILE A 317 -3.53 32.93 9.59
CA ILE A 317 -2.59 33.74 10.37
C ILE A 317 -1.63 34.54 9.47
N PRO A 318 -1.82 35.88 9.38
CA PRO A 318 -0.94 36.72 8.56
C PRO A 318 0.54 36.51 8.91
N HIS A 319 1.38 36.59 7.88
CA HIS A 319 2.84 36.48 7.97
C HIS A 319 3.38 35.06 8.08
N ILE A 320 2.50 34.06 8.14
CA ILE A 320 2.94 32.65 8.01
C ILE A 320 2.49 32.11 6.67
N HIS A 321 3.43 31.47 5.98
CA HIS A 321 3.16 30.84 4.70
C HIS A 321 3.15 29.35 4.90
N VAL A 322 2.25 28.67 4.19
CA VAL A 322 2.15 27.16 4.23
C VAL A 322 2.33 26.54 2.84
N ILE A 323 3.36 25.70 2.71
CA ILE A 323 3.60 24.96 1.47
C ILE A 323 3.58 23.45 1.68
N GLY A 324 3.50 22.75 0.56
CA GLY A 324 3.63 21.31 0.55
C GLY A 324 2.32 20.61 0.85
N ASP A 325 2.46 19.45 1.46
CA ASP A 325 1.31 18.60 1.67
C ASP A 325 0.30 19.32 2.57
N ALA A 326 0.80 20.17 3.49
CA ALA A 326 -0.03 20.78 4.51
C ALA A 326 -0.98 21.83 3.97
N SER A 327 -0.69 22.31 2.75
CA SER A 327 -1.45 23.38 2.10
C SER A 327 -2.62 22.87 1.31
N ILE A 328 -3.58 23.74 1.07
CA ILE A 328 -4.69 23.48 0.14
C ILE A 328 -4.27 24.24 -1.13
N ALA A 329 -3.86 23.50 -2.16
CA ALA A 329 -3.31 24.16 -3.34
C ALA A 329 -4.09 23.86 -4.60
N GLY A 330 -5.42 23.94 -4.52
CA GLY A 330 -6.30 23.77 -5.70
C GLY A 330 -6.09 22.41 -6.33
N ALA A 331 -5.73 22.43 -7.61
CA ALA A 331 -5.48 21.23 -8.44
C ALA A 331 -4.22 20.42 -8.15
N MET A 332 -3.33 20.98 -7.31
CA MET A 332 -1.95 20.49 -7.23
C MET A 332 -1.96 19.27 -6.35
N PRO A 333 -1.34 18.17 -6.79
CA PRO A 333 -1.35 16.94 -5.95
C PRO A 333 -0.52 17.15 -4.68
N LYS A 334 -0.71 16.33 -3.64
CA LYS A 334 0.21 16.40 -2.47
C LYS A 334 1.38 15.53 -2.87
N ALA A 335 2.32 16.14 -3.57
CA ALA A 335 3.50 15.45 -4.12
C ALA A 335 4.76 16.23 -3.77
N GLY A 336 5.90 15.54 -3.78
CA GLY A 336 7.21 16.16 -3.56
C GLY A 336 7.53 17.25 -4.57
N PHE A 337 7.20 17.00 -5.83
CA PHE A 337 7.46 17.94 -6.92
C PHE A 337 6.64 19.19 -6.69
N ALA A 338 5.39 19.01 -6.30
CA ALA A 338 4.50 20.12 -6.02
C ALA A 338 5.05 20.96 -4.88
N ALA A 339 5.39 20.33 -3.76
CA ALA A 339 6.00 21.04 -2.63
C ALA A 339 7.17 21.93 -3.10
N ASN A 340 8.11 21.33 -3.85
CA ASN A 340 9.28 21.99 -4.37
C ASN A 340 8.88 23.16 -5.27
N SER A 341 7.83 22.92 -6.05
CA SER A 341 7.35 23.92 -6.97
C SER A 341 6.78 25.06 -6.17
N GLN A 342 5.97 24.74 -5.17
CA GLN A 342 5.26 25.74 -4.34
C GLN A 342 6.26 26.60 -3.58
N ALA A 343 7.39 25.99 -3.24
CA ALA A 343 8.46 26.60 -2.48
C ALA A 343 9.05 27.80 -3.18
N LYS A 344 9.26 27.66 -4.50
CA LYS A 344 9.83 28.69 -5.38
C LYS A 344 8.94 29.92 -5.47
N VAL A 345 7.69 29.74 -5.94
CA VAL A 345 6.63 30.78 -5.89
C VAL A 345 6.62 31.46 -4.53
N CYS A 346 6.66 30.66 -3.45
CA CYS A 346 6.62 31.16 -2.06
C CYS A 346 7.79 32.04 -1.69
N ALA A 347 9.00 31.63 -2.04
CA ALA A 347 10.24 32.41 -1.81
C ALA A 347 10.12 33.77 -2.47
N ALA A 348 9.83 33.75 -3.77
CA ALA A 348 9.54 34.95 -4.52
C ALA A 348 8.48 35.84 -3.86
N ALA A 349 7.42 35.23 -3.32
CA ALA A 349 6.34 35.99 -2.77
C ALA A 349 6.73 36.64 -1.45
N VAL A 350 7.62 35.98 -0.67
CA VAL A 350 7.99 36.51 0.65
C VAL A 350 9.03 37.61 0.48
N VAL A 351 9.86 37.52 -0.56
CA VAL A 351 10.74 38.64 -0.82
C VAL A 351 9.93 39.87 -1.30
N ALA A 352 8.88 39.62 -2.10
CA ALA A 352 7.90 40.62 -2.52
C ALA A 352 7.30 41.30 -1.33
N ALA A 353 6.85 40.49 -0.37
CA ALA A 353 6.18 41.04 0.79
C ALA A 353 7.15 41.74 1.71
N LEU A 354 8.39 41.27 1.76
CA LEU A 354 9.37 41.88 2.63
C LEU A 354 10.00 43.18 2.08
N HIS A 355 9.85 43.43 0.78
CA HIS A 355 10.44 44.61 0.10
C HIS A 355 9.32 45.50 -0.44
N GLY A 356 8.13 45.37 0.14
CA GLY A 356 6.96 46.14 -0.26
C GLY A 356 6.62 46.20 -1.73
N PHE A 357 6.79 45.11 -2.47
CA PHE A 357 6.23 45.04 -3.82
C PHE A 357 5.15 44.00 -3.96
N ASP A 358 4.20 44.29 -4.84
CA ASP A 358 3.19 43.32 -5.28
C ASP A 358 3.88 42.01 -5.57
N PRO A 359 3.26 40.89 -5.13
CA PRO A 359 3.64 39.53 -5.57
C PRO A 359 3.61 39.44 -7.09
N THR A 360 4.47 38.61 -7.67
CA THR A 360 4.47 38.39 -9.12
C THR A 360 3.36 37.37 -9.55
N GLU A 361 3.17 37.16 -10.86
CA GLU A 361 2.31 36.09 -11.32
C GLU A 361 3.07 34.78 -11.22
N PRO A 362 2.40 33.70 -10.76
CA PRO A 362 3.18 32.52 -10.41
C PRO A 362 3.04 31.42 -11.44
N SER A 363 3.95 30.45 -11.37
CA SER A 363 3.94 29.27 -12.24
C SER A 363 4.35 28.00 -11.43
N TRP A 364 3.67 26.89 -11.70
CA TRP A 364 4.01 25.68 -11.01
C TRP A 364 4.01 24.56 -11.96
N SER A 365 4.57 23.44 -11.51
CA SER A 365 4.55 22.22 -12.28
C SER A 365 4.58 21.08 -11.30
N SER A 366 3.95 19.97 -11.63
CA SER A 366 4.12 18.74 -10.86
C SER A 366 4.06 17.52 -11.71
N THR A 367 4.90 16.56 -11.35
CA THR A 367 5.02 15.30 -12.10
C THR A 367 5.28 14.19 -11.13
N CYS A 368 4.39 13.21 -11.10
CA CYS A 368 4.57 12.05 -10.23
C CYS A 368 4.97 10.89 -11.16
N TYR A 369 6.24 10.45 -11.04
CA TYR A 369 6.75 9.22 -11.69
C TYR A 369 6.54 8.04 -10.77
N SER A 370 6.07 6.94 -11.34
CA SER A 370 5.90 5.66 -10.67
C SER A 370 6.64 4.60 -11.47
N LEU A 371 7.37 3.77 -10.73
CA LEU A 371 8.01 2.58 -11.26
C LEU A 371 7.11 1.37 -11.03
N VAL A 372 6.36 0.99 -12.07
CA VAL A 372 5.62 -0.25 -12.12
C VAL A 372 6.56 -1.44 -11.94
N GLY A 373 7.76 -1.35 -12.53
CA GLY A 373 8.88 -2.28 -12.27
C GLY A 373 10.14 -1.46 -12.48
N PRO A 374 11.32 -1.93 -12.00
CA PRO A 374 12.51 -1.09 -12.07
C PRO A 374 12.86 -0.56 -13.50
N GLU A 375 12.40 -1.22 -14.55
CA GLU A 375 12.67 -0.82 -15.92
C GLU A 375 11.34 -0.63 -16.68
N TYR A 376 10.30 -0.22 -15.94
CA TYR A 376 8.99 0.09 -16.50
C TYR A 376 8.49 1.28 -15.73
N GLY A 377 8.52 2.46 -16.35
CA GLY A 377 8.09 3.70 -15.71
C GLY A 377 6.87 4.33 -16.36
N ILE A 378 6.04 4.96 -15.53
CA ILE A 378 4.89 5.75 -16.00
C ILE A 378 4.89 7.13 -15.30
N SER A 379 4.18 8.11 -15.87
CA SER A 379 4.12 9.42 -15.23
C SER A 379 2.74 10.09 -15.37
N VAL A 380 2.39 10.97 -14.42
CA VAL A 380 1.29 11.94 -14.58
C VAL A 380 1.96 13.30 -14.39
N SER A 381 1.68 14.24 -15.29
CA SER A 381 2.47 15.46 -15.33
C SER A 381 1.62 16.66 -15.72
N ALA A 382 1.87 17.81 -15.08
CA ALA A 382 1.10 19.04 -15.34
C ALA A 382 1.88 20.32 -14.98
N VAL A 383 1.48 21.40 -15.65
CA VAL A 383 1.97 22.73 -15.42
C VAL A 383 0.74 23.39 -14.84
N TYR A 384 0.93 24.38 -13.98
CA TYR A 384 -0.16 24.98 -13.27
C TYR A 384 -0.05 26.48 -13.42
N ARG A 385 -1.15 27.17 -13.14
CA ARG A 385 -1.41 28.53 -13.59
C ARG A 385 -2.62 28.97 -12.76
N LEU A 386 -2.57 30.15 -12.14
CA LEU A 386 -3.74 30.80 -11.46
C LEU A 386 -4.77 31.26 -12.51
N ASP A 387 -6.08 31.10 -12.28
CA ASP A 387 -7.09 31.34 -13.36
C ASP A 387 -8.31 32.17 -12.99
N ASN A 388 -8.89 31.91 -11.83
CA ASN A 388 -9.86 32.86 -11.24
C ASN A 388 -9.67 32.92 -9.71
N GLY A 389 -8.41 33.12 -9.29
CA GLY A 389 -7.99 32.93 -7.88
C GLY A 389 -7.84 31.46 -7.43
N SER A 390 -8.01 30.53 -8.38
CA SER A 390 -7.86 29.09 -8.18
C SER A 390 -6.66 28.53 -8.99
N ILE A 391 -5.88 27.63 -8.41
CA ILE A 391 -4.76 27.00 -9.10
C ILE A 391 -5.32 25.89 -9.99
N VAL A 392 -4.93 25.89 -11.26
CA VAL A 392 -5.55 25.03 -12.26
C VAL A 392 -4.45 24.48 -13.19
N ALA A 393 -4.61 23.22 -13.64
CA ALA A 393 -3.76 22.63 -14.71
C ALA A 393 -3.97 23.31 -16.06
N SER A 394 -2.86 23.55 -16.76
CA SER A 394 -2.86 24.00 -18.14
C SER A 394 -3.32 22.86 -19.03
N GLU A 395 -3.79 23.20 -20.23
CA GLU A 395 -4.06 22.17 -21.22
C GLU A 395 -2.70 21.49 -21.49
N GLY A 396 -2.76 20.22 -21.86
CA GLY A 396 -1.57 19.45 -22.15
C GLY A 396 -1.28 18.40 -21.11
N ALA A 397 -1.78 18.61 -19.89
CA ALA A 397 -1.47 17.74 -18.74
C ALA A 397 -2.09 16.36 -18.92
N GLY A 398 -1.38 15.36 -18.42
CA GLY A 398 -1.82 14.00 -18.59
C GLY A 398 -0.89 12.91 -18.13
N VAL A 399 -1.38 11.69 -18.30
CA VAL A 399 -0.65 10.50 -17.91
C VAL A 399 0.09 9.99 -19.15
N SER A 400 1.04 9.07 -18.97
CA SER A 400 1.77 8.49 -20.08
C SER A 400 0.79 7.94 -21.10
N PRO A 401 1.18 7.87 -22.38
CA PRO A 401 0.25 7.30 -23.35
C PRO A 401 -0.08 5.83 -23.08
N GLY A 402 -1.37 5.52 -23.22
CA GLY A 402 -1.91 4.16 -23.12
C GLY A 402 -1.24 3.06 -23.94
N GLU A 403 -1.17 3.22 -25.28
CA GLU A 403 -0.70 2.14 -26.20
C GLU A 403 0.78 2.26 -26.69
N ALA A 404 1.73 2.41 -25.75
CA ALA A 404 3.16 2.57 -26.04
C ALA A 404 4.00 1.31 -25.82
N ASP A 405 5.22 1.29 -26.32
CA ASP A 405 6.01 0.05 -26.35
C ASP A 405 6.94 -0.07 -25.13
N ASP A 406 7.72 -1.14 -25.08
CA ASP A 406 8.58 -1.41 -23.91
C ASP A 406 9.67 -0.37 -23.75
N HIS A 407 10.25 0.06 -24.89
CA HIS A 407 11.25 1.12 -24.92
C HIS A 407 10.78 2.37 -24.19
N PHE A 408 9.57 2.83 -24.50
CA PHE A 408 8.93 3.98 -23.83
C PHE A 408 8.89 3.84 -22.29
N ARG A 409 8.41 2.70 -21.77
CA ARG A 409 8.39 2.41 -20.33
C ARG A 409 9.79 2.43 -19.70
N GLN A 410 10.75 1.79 -20.40
CA GLN A 410 12.17 1.80 -19.99
C GLN A 410 12.73 3.21 -19.86
N LEU A 411 12.37 4.05 -20.83
CA LEU A 411 12.86 5.42 -20.83
C LEU A 411 12.29 6.22 -19.66
N GLU A 412 10.99 6.09 -19.44
CA GLU A 412 10.39 6.82 -18.35
C GLU A 412 10.95 6.35 -17.00
N ALA A 413 11.37 5.08 -16.96
CA ALA A 413 12.02 4.55 -15.76
C ALA A 413 13.34 5.27 -15.61
N VAL A 414 14.13 5.34 -16.68
CA VAL A 414 15.40 6.04 -16.63
C VAL A 414 15.16 7.50 -16.17
N TYR A 415 14.09 8.11 -16.67
CA TYR A 415 13.83 9.51 -16.36
C TYR A 415 13.36 9.73 -14.92
N ALA A 416 12.62 8.75 -14.38
CA ALA A 416 12.22 8.77 -12.98
C ALA A 416 13.44 8.90 -12.05
N ARG A 417 14.42 8.01 -12.24
CA ARG A 417 15.72 8.05 -11.53
C ARG A 417 16.46 9.39 -11.79
N GLY A 418 16.31 9.91 -13.01
CA GLY A 418 16.81 11.26 -13.34
C GLY A 418 16.21 12.35 -12.47
N TRP A 419 14.88 12.46 -12.55
CA TRP A 419 14.11 13.33 -11.66
C TRP A 419 14.56 13.19 -10.18
N TYR A 420 14.60 11.96 -9.69
CA TYR A 420 14.87 11.74 -8.29
C TYR A 420 16.22 12.37 -7.92
N ASP A 421 17.29 12.03 -8.68
CA ASP A 421 18.68 12.49 -8.40
C ASP A 421 18.79 14.02 -8.63
N ASN A 422 18.13 14.45 -9.70
CA ASN A 422 18.06 15.87 -9.99
C ASN A 422 17.36 16.71 -8.95
N ILE A 423 16.13 16.35 -8.56
CA ILE A 423 15.37 17.18 -7.62
C ILE A 423 16.05 17.22 -6.25
N THR A 424 16.58 16.07 -5.82
CA THR A 424 17.30 16.01 -4.54
C THR A 424 18.60 16.83 -4.59
N ALA A 425 19.35 16.74 -5.71
CA ALA A 425 20.46 17.69 -5.98
C ALA A 425 20.07 19.14 -5.78
N GLU A 426 18.95 19.55 -6.38
CA GLU A 426 18.46 20.90 -6.23
C GLU A 426 18.24 21.24 -4.74
N MET A 427 17.59 20.36 -4.00
CA MET A 427 17.29 20.62 -2.58
C MET A 427 18.50 20.55 -1.64
N TYR A 428 19.35 19.55 -1.87
CA TYR A 428 20.39 19.14 -0.91
C TYR A 428 21.83 19.16 -1.43
N GLY A 429 22.04 19.47 -2.71
CA GLY A 429 23.35 19.83 -3.23
C GLY A 429 23.64 21.32 -3.00
N ASP B 28 13.90 39.46 -13.84
CA ASP B 28 12.61 39.42 -13.07
C ASP B 28 12.23 38.06 -12.46
N LEU B 29 11.37 38.11 -11.45
CA LEU B 29 10.89 36.92 -10.76
C LEU B 29 9.91 36.11 -11.64
N ARG B 30 9.08 36.82 -12.41
CA ARG B 30 8.24 36.16 -13.39
C ARG B 30 9.00 35.09 -14.19
N GLY B 31 10.12 35.46 -14.81
CA GLY B 31 10.87 34.52 -15.62
C GLY B 31 11.49 33.43 -14.77
N ALA B 32 11.90 33.81 -13.57
CA ALA B 32 12.54 32.90 -12.64
C ALA B 32 11.58 31.76 -12.23
N LEU B 33 10.30 32.11 -12.04
CA LEU B 33 9.28 31.14 -11.64
C LEU B 33 8.90 30.23 -12.78
N LEU B 34 8.83 30.80 -14.00
CA LEU B 34 8.54 30.05 -15.23
C LEU B 34 9.62 29.02 -15.46
N ALA B 35 10.85 29.42 -15.17
CA ALA B 35 12.03 28.61 -15.44
C ALA B 35 12.37 27.63 -14.31
N GLY B 36 12.21 28.06 -13.06
CA GLY B 36 12.58 27.28 -11.85
C GLY B 36 12.16 25.80 -11.84
N ASN B 37 10.96 25.56 -12.39
CA ASN B 37 10.37 24.24 -12.43
C ASN B 37 11.14 23.29 -13.34
N CYS B 38 11.79 23.83 -14.35
CA CYS B 38 12.62 23.02 -15.25
C CYS B 38 13.76 22.38 -14.51
N TYR B 39 14.26 23.07 -13.48
CA TYR B 39 15.37 22.53 -12.72
C TYR B 39 14.92 21.33 -11.90
N GLY B 40 13.62 21.29 -11.58
CA GLY B 40 13.00 20.18 -10.88
C GLY B 40 13.35 18.83 -11.47
N CYS B 41 13.25 18.70 -12.80
CA CYS B 41 13.74 17.48 -13.51
C CYS B 41 15.13 17.61 -14.08
N HIS B 42 15.50 18.82 -14.56
CA HIS B 42 16.72 18.99 -15.34
C HIS B 42 17.95 19.26 -14.44
N GLY B 43 17.74 19.38 -13.13
CA GLY B 43 18.86 19.51 -12.15
C GLY B 43 19.12 20.96 -11.84
N PRO B 44 19.92 21.27 -10.78
CA PRO B 44 20.07 22.70 -10.40
C PRO B 44 20.74 23.44 -11.53
N ASN B 45 20.16 24.59 -11.92
CA ASN B 45 20.60 25.39 -13.08
C ASN B 45 20.98 24.63 -14.37
N GLY B 46 20.21 23.59 -14.70
CA GLY B 46 20.45 22.74 -15.88
C GLY B 46 21.53 21.65 -15.82
N ASP B 47 22.13 21.46 -14.65
CA ASP B 47 23.14 20.43 -14.55
C ASP B 47 22.56 19.12 -14.05
N SER B 48 22.32 18.25 -15.02
CA SER B 48 21.68 16.99 -14.74
C SER B 48 22.67 16.06 -14.08
N GLN B 49 22.24 15.25 -13.10
CA GLN B 49 23.03 14.12 -12.59
C GLN B 49 22.97 12.92 -13.52
N GLY B 50 22.10 12.97 -14.52
CA GLY B 50 22.01 11.90 -15.51
C GLY B 50 20.59 11.55 -15.87
N GLY B 51 20.44 10.70 -16.87
CA GLY B 51 19.17 10.26 -17.36
C GLY B 51 18.55 11.33 -18.23
N ILE B 52 17.93 12.30 -17.56
CA ILE B 52 17.28 13.42 -18.21
C ILE B 52 18.47 14.25 -18.74
N PRO B 53 18.43 14.70 -20.01
CA PRO B 53 19.58 15.49 -20.48
C PRO B 53 19.76 16.82 -19.74
N SER B 54 20.96 17.39 -19.90
CA SER B 54 21.36 18.67 -19.26
C SER B 54 20.77 19.85 -20.02
N LEU B 55 20.77 21.02 -19.39
CA LEU B 55 20.12 22.16 -20.01
C LEU B 55 21.10 23.32 -20.19
N SER B 56 22.01 23.44 -19.22
CA SER B 56 22.99 24.53 -19.07
C SER B 56 23.78 24.89 -20.33
N GLY B 57 24.27 23.86 -21.06
CA GLY B 57 25.06 24.06 -22.29
C GLY B 57 24.27 24.27 -23.57
N LEU B 58 23.25 25.11 -23.51
CA LEU B 58 22.29 25.37 -24.58
C LEU B 58 21.92 26.83 -24.51
N ASP B 59 21.68 27.45 -25.66
CA ASP B 59 21.24 28.85 -25.66
C ASP B 59 19.71 29.03 -25.91
N ALA B 60 19.22 30.26 -25.63
CA ALA B 60 17.81 30.62 -25.75
C ALA B 60 17.13 30.00 -26.97
N ASP B 61 17.78 30.18 -28.11
CA ASP B 61 17.23 29.79 -29.38
C ASP B 61 16.98 28.30 -29.44
N GLN B 62 17.98 27.50 -29.03
CA GLN B 62 17.84 26.03 -28.95
C GLN B 62 16.69 25.61 -28.04
N ILE B 63 16.67 26.19 -26.84
CA ILE B 63 15.63 25.85 -25.88
C ILE B 63 14.28 26.19 -26.48
N ALA B 64 14.08 27.44 -26.88
CA ALA B 64 12.77 27.84 -27.40
C ALA B 64 12.36 26.95 -28.56
N GLU B 65 13.28 26.70 -29.49
CA GLU B 65 12.96 26.08 -30.76
C GLU B 65 12.52 24.65 -30.54
N THR B 66 13.05 24.00 -29.49
CA THR B 66 12.67 22.60 -29.16
C THR B 66 11.51 22.44 -28.17
N MET B 67 11.34 23.41 -27.28
CA MET B 67 10.11 23.55 -26.50
C MET B 67 8.94 23.46 -27.46
N LEU B 68 8.93 24.39 -28.43
CA LEU B 68 7.86 24.49 -29.43
C LEU B 68 7.75 23.23 -30.26
N ALA B 69 8.90 22.60 -30.56
CA ALA B 69 8.98 21.32 -31.29
C ALA B 69 8.31 20.16 -30.53
N PHE B 70 8.50 20.14 -29.21
CA PHE B 70 7.89 19.15 -28.34
C PHE B 70 6.40 19.45 -28.23
N ARG B 71 6.09 20.73 -28.07
CA ARG B 71 4.74 21.22 -27.96
C ARG B 71 3.80 20.76 -29.09
N SER B 72 4.21 20.93 -30.33
CA SER B 72 3.36 20.56 -31.48
C SER B 72 3.43 19.09 -31.87
N GLY B 73 4.47 18.40 -31.43
CA GLY B 73 4.62 16.99 -31.76
C GLY B 73 5.84 16.71 -32.58
N THR B 74 6.25 17.65 -33.41
CA THR B 74 7.41 17.52 -34.31
C THR B 74 8.52 16.68 -33.73
N ARG B 75 8.84 16.97 -32.46
CA ARG B 75 9.80 16.22 -31.69
C ARG B 75 9.00 15.41 -30.63
N GLU B 76 9.13 14.08 -30.74
CA GLU B 76 8.50 13.08 -29.85
C GLU B 76 9.01 13.22 -28.42
N SER B 77 8.13 13.23 -27.43
CA SER B 77 8.60 13.27 -26.04
C SER B 77 8.01 12.12 -25.22
N THR B 78 8.66 11.77 -24.11
CA THR B 78 8.01 10.96 -23.08
C THR B 78 7.16 11.82 -22.17
N VAL B 79 7.63 13.02 -21.87
CA VAL B 79 6.91 13.95 -20.97
C VAL B 79 7.02 15.42 -21.39
N MET B 80 7.96 15.72 -22.28
CA MET B 80 8.17 17.12 -22.67
C MET B 80 7.02 17.85 -23.31
N GLN B 81 6.21 17.17 -24.13
CA GLN B 81 4.98 17.79 -24.62
C GLN B 81 3.99 18.09 -23.48
N ARG B 82 3.86 17.15 -22.53
CA ARG B 82 2.95 17.38 -21.42
C ARG B 82 3.31 18.68 -20.71
N GLN B 83 4.62 18.88 -20.54
CA GLN B 83 5.15 20.06 -19.88
C GLN B 83 5.09 21.28 -20.81
N ALA B 84 5.76 21.18 -21.96
CA ALA B 84 5.83 22.25 -22.99
C ALA B 84 4.48 22.91 -23.38
N SER B 85 3.44 22.07 -23.58
CA SER B 85 2.07 22.50 -23.87
C SER B 85 1.46 23.36 -22.75
N GLY B 86 2.00 23.23 -21.56
CA GLY B 86 1.54 24.01 -20.42
C GLY B 86 1.89 25.47 -20.48
N TYR B 87 2.81 25.82 -21.40
CA TYR B 87 3.24 27.20 -21.59
C TYR B 87 2.81 27.82 -22.92
N SER B 88 2.61 29.13 -22.88
CA SER B 88 2.41 29.92 -24.07
C SER B 88 3.75 30.16 -24.79
N GLU B 89 3.66 30.62 -26.04
CA GLU B 89 4.82 31.05 -26.84
C GLU B 89 5.65 32.17 -26.21
N ASP B 90 4.98 33.14 -25.58
CA ASP B 90 5.64 34.19 -24.80
C ASP B 90 6.43 33.67 -23.61
N GLU B 91 5.79 32.78 -22.85
CA GLU B 91 6.40 32.18 -21.67
C GLU B 91 7.61 31.33 -22.04
N ILE B 92 7.46 30.53 -23.12
CA ILE B 92 8.56 29.75 -23.69
C ILE B 92 9.82 30.60 -24.03
N ALA B 93 9.60 31.81 -24.54
CA ALA B 93 10.69 32.77 -24.79
C ALA B 93 11.33 33.22 -23.48
N SER B 94 10.53 33.61 -22.49
CA SER B 94 11.05 33.98 -21.16
C SER B 94 11.89 32.85 -20.55
N ILE B 95 11.35 31.64 -20.59
CA ILE B 95 12.00 30.45 -20.02
C ILE B 95 13.33 30.23 -20.72
N ALA B 96 13.27 30.30 -22.05
CA ALA B 96 14.42 30.08 -22.91
C ALA B 96 15.57 31.04 -22.50
N GLN B 97 15.29 32.34 -22.57
CA GLN B 97 16.19 33.41 -22.16
C GLN B 97 16.82 33.13 -20.79
N HIS B 98 15.97 33.10 -19.77
CA HIS B 98 16.38 32.92 -18.38
C HIS B 98 17.31 31.72 -18.10
N ILE B 99 17.05 30.57 -18.72
CA ILE B 99 17.94 29.42 -18.51
C ILE B 99 19.34 29.64 -19.11
N ALA B 100 19.39 30.09 -20.37
CA ALA B 100 20.66 30.39 -21.06
C ALA B 100 21.47 31.55 -20.41
N GLN B 101 20.78 32.64 -20.04
CA GLN B 101 21.36 33.80 -19.35
C GLN B 101 22.04 33.35 -18.04
N HIS B 102 21.38 32.47 -17.29
CA HIS B 102 21.80 32.01 -15.94
C HIS B 102 22.75 30.81 -15.99
N HIS C 31 6.87 -22.25 -20.57
CA HIS C 31 5.61 -22.70 -21.22
C HIS C 31 4.43 -22.30 -20.34
N ALA C 32 3.46 -23.17 -20.13
CA ALA C 32 2.23 -22.73 -19.47
C ALA C 32 2.10 -23.04 -17.96
N HIS C 33 2.72 -22.21 -17.11
CA HIS C 33 2.62 -22.32 -15.63
C HIS C 33 1.37 -21.64 -15.04
N LEU C 34 0.93 -22.08 -13.86
CA LEU C 34 -0.19 -21.42 -13.19
C LEU C 34 0.29 -20.17 -12.43
N ARG C 35 -0.34 -19.01 -12.69
CA ARG C 35 -0.03 -17.78 -11.93
C ARG C 35 -1.06 -17.43 -10.82
N ALA C 36 -2.32 -17.80 -11.00
CA ALA C 36 -3.37 -17.57 -9.99
C ALA C 36 -4.48 -18.60 -10.04
N ALA C 37 -5.10 -18.84 -8.90
CA ALA C 37 -6.25 -19.76 -8.83
C ALA C 37 -7.35 -19.27 -7.86
N ASP C 38 -8.61 -19.47 -8.24
CA ASP C 38 -9.77 -19.28 -7.34
C ASP C 38 -10.62 -20.56 -7.29
N PRO C 39 -10.69 -21.21 -6.13
CA PRO C 39 -10.26 -20.64 -4.84
C PRO C 39 -8.75 -20.66 -4.60
N PRO C 40 -8.26 -19.78 -3.71
CA PRO C 40 -6.82 -19.72 -3.48
C PRO C 40 -6.34 -21.01 -2.80
N GLU C 41 -5.04 -21.28 -2.89
CA GLU C 41 -4.46 -22.36 -2.13
C GLU C 41 -4.46 -22.03 -0.60
N ALA C 42 -5.62 -22.23 -0.01
CA ALA C 42 -5.88 -21.90 1.39
C ALA C 42 -7.07 -22.77 1.85
N ILE C 43 -7.46 -22.66 3.13
CA ILE C 43 -8.71 -23.26 3.65
C ILE C 43 -9.71 -22.15 3.60
N VAL C 44 -10.91 -22.41 3.08
CA VAL C 44 -11.93 -21.35 2.87
C VAL C 44 -13.37 -21.80 3.11
N ASP C 45 -14.26 -20.86 3.40
CA ASP C 45 -15.70 -21.11 3.41
C ASP C 45 -16.33 -20.82 2.04
N ALA C 46 -16.28 -21.81 1.13
CA ALA C 46 -16.69 -21.57 -0.28
C ALA C 46 -18.11 -22.09 -0.57
N ALA C 47 -19.11 -21.42 0.01
CA ALA C 47 -20.45 -21.95 0.11
C ALA C 47 -21.04 -22.28 -1.25
N GLY C 48 -21.11 -23.57 -1.55
CA GLY C 48 -21.70 -24.04 -2.82
C GLY C 48 -21.00 -23.62 -4.12
N LEU C 49 -19.72 -23.34 -4.01
CA LEU C 49 -18.75 -23.39 -5.08
C LEU C 49 -19.22 -24.23 -6.27
N ARG C 50 -19.63 -23.53 -7.33
CA ARG C 50 -20.11 -24.18 -8.57
C ARG C 50 -19.05 -24.18 -9.71
N GLU C 51 -17.94 -23.45 -9.51
CA GLU C 51 -16.80 -23.34 -10.46
C GLU C 51 -15.43 -23.14 -9.81
N ILE C 52 -14.37 -23.56 -10.51
CA ILE C 52 -13.00 -23.31 -10.11
C ILE C 52 -12.30 -22.52 -11.21
N ARG C 53 -11.68 -21.38 -10.88
CA ARG C 53 -11.04 -20.52 -11.90
C ARG C 53 -9.49 -20.61 -11.82
N LEU C 54 -8.87 -21.00 -12.95
CA LEU C 54 -7.38 -21.00 -13.15
C LEU C 54 -6.85 -19.94 -14.16
N VAL C 55 -5.70 -19.34 -13.83
CA VAL C 55 -5.06 -18.35 -14.70
C VAL C 55 -3.63 -18.81 -14.89
N PHE C 56 -3.27 -18.94 -16.17
CA PHE C 56 -1.93 -19.33 -16.63
C PHE C 56 -1.08 -18.18 -17.23
N SER C 57 0.24 -18.36 -17.24
CA SER C 57 1.21 -17.38 -17.73
C SER C 57 1.07 -16.99 -19.22
N GLU C 58 0.62 -17.94 -20.05
CA GLU C 58 0.28 -17.71 -21.47
C GLU C 58 -0.91 -18.60 -21.85
N PRO C 59 -1.53 -18.38 -23.05
CA PRO C 59 -2.74 -19.16 -23.36
C PRO C 59 -2.42 -20.64 -23.54
N VAL C 60 -3.48 -21.42 -23.74
CA VAL C 60 -3.43 -22.86 -23.51
C VAL C 60 -4.38 -23.46 -24.51
N VAL C 61 -3.97 -24.53 -25.18
CA VAL C 61 -4.78 -25.05 -26.28
C VAL C 61 -5.86 -25.98 -25.72
N ASP C 62 -7.09 -25.70 -26.10
CA ASP C 62 -8.24 -26.35 -25.56
C ASP C 62 -8.27 -27.85 -25.88
N ARG C 63 -8.58 -28.21 -27.14
CA ARG C 63 -8.75 -29.60 -27.58
C ARG C 63 -7.71 -30.55 -26.93
N PHE C 64 -6.45 -30.10 -26.90
CA PHE C 64 -5.31 -30.91 -26.47
C PHE C 64 -5.07 -30.97 -24.97
N SER C 65 -5.69 -30.05 -24.24
CA SER C 65 -5.53 -29.96 -22.78
C SER C 65 -6.68 -30.54 -21.93
N THR C 66 -6.26 -31.36 -20.96
CA THR C 66 -7.20 -32.03 -20.07
C THR C 66 -7.00 -31.62 -18.61
N PHE C 67 -8.12 -31.32 -17.96
CA PHE C 67 -8.22 -30.99 -16.54
C PHE C 67 -9.05 -32.04 -15.80
N ARG C 68 -8.52 -32.53 -14.68
CA ARG C 68 -9.35 -33.38 -13.81
C ARG C 68 -9.30 -32.85 -12.38
N ALA C 69 -10.44 -32.97 -11.70
CA ALA C 69 -10.56 -32.60 -10.28
C ALA C 69 -10.94 -33.74 -9.33
N PHE C 70 -10.18 -33.83 -8.24
CA PHE C 70 -10.40 -34.85 -7.23
C PHE C 70 -10.68 -34.28 -5.84
N ARG C 71 -11.84 -34.63 -5.26
CA ARG C 71 -12.06 -34.49 -3.79
C ARG C 71 -11.20 -35.48 -2.97
N LEU C 72 -10.34 -34.95 -2.13
CA LEU C 72 -9.39 -35.78 -1.41
C LEU C 72 -10.02 -36.54 -0.23
N SER C 73 -9.69 -37.83 -0.14
CA SER C 73 -9.90 -38.63 1.06
C SER C 73 -8.69 -38.53 1.98
N LEU C 74 -8.87 -37.77 3.05
CA LEU C 74 -7.81 -37.43 4.00
C LEU C 74 -7.60 -38.61 4.93
N PRO C 75 -6.37 -38.76 5.51
CA PRO C 75 -6.10 -39.90 6.42
C PRO C 75 -6.95 -39.89 7.70
N GLU C 76 -6.95 -41.02 8.44
CA GLU C 76 -7.65 -41.16 9.74
C GLU C 76 -7.15 -40.04 10.67
N ASN C 77 -5.83 -39.97 10.80
CA ASN C 77 -5.14 -38.96 11.61
C ASN C 77 -5.37 -37.50 11.13
N GLY C 78 -5.85 -37.33 9.88
CA GLY C 78 -6.05 -36.03 9.24
C GLY C 78 -4.74 -35.42 8.75
N ILE C 79 -4.80 -34.18 8.25
CA ILE C 79 -3.58 -33.46 7.81
C ILE C 79 -3.38 -32.17 8.60
N ARG C 80 -2.13 -31.89 8.92
CA ARG C 80 -1.77 -30.81 9.84
C ARG C 80 -1.36 -29.51 9.13
N ASN C 81 -1.27 -29.52 7.79
CA ASN C 81 -0.80 -28.34 7.02
C ASN C 81 -0.89 -28.48 5.50
N LEU C 82 -0.61 -27.39 4.77
CA LEU C 82 -0.72 -27.35 3.30
C LEU C 82 0.34 -28.15 2.51
N THR C 83 1.58 -28.22 2.99
CA THR C 83 2.61 -29.14 2.45
C THR C 83 2.09 -30.58 2.30
N GLN C 84 1.39 -31.04 3.33
CA GLN C 84 0.77 -32.36 3.36
C GLN C 84 -0.45 -32.50 2.43
N LEU C 85 -1.16 -31.39 2.19
CA LEU C 85 -2.24 -31.39 1.21
C LEU C 85 -1.64 -31.47 -0.19
N ASN C 86 -0.56 -30.70 -0.41
CA ASN C 86 0.20 -30.68 -1.67
C ASN C 86 0.96 -31.96 -1.90
N THR C 87 1.39 -32.62 -0.83
CA THR C 87 1.87 -33.97 -0.95
C THR C 87 0.73 -34.84 -1.49
N LEU C 88 -0.39 -34.86 -0.78
CA LEU C 88 -1.54 -35.68 -1.13
C LEU C 88 -2.11 -35.50 -2.54
N ALA C 89 -2.02 -34.28 -3.09
CA ALA C 89 -2.44 -33.98 -4.48
C ALA C 89 -1.44 -34.51 -5.57
N SER C 90 -0.13 -34.34 -5.35
CA SER C 90 0.94 -34.86 -6.23
C SER C 90 0.97 -36.38 -6.45
N GLU C 91 0.26 -37.12 -5.58
CA GLU C 91 -0.07 -38.52 -5.84
C GLU C 91 -0.88 -38.61 -7.16
N LEU C 92 -1.88 -37.74 -7.33
CA LEU C 92 -2.69 -37.72 -8.54
C LEU C 92 -2.00 -37.10 -9.76
N GLY C 93 -2.74 -37.07 -10.87
CA GLY C 93 -2.24 -36.81 -12.23
C GLY C 93 -3.39 -36.99 -13.24
N VAL C 94 -3.16 -36.59 -14.50
CA VAL C 94 -4.20 -36.76 -15.54
C VAL C 94 -4.43 -38.22 -15.94
N ASP C 95 -3.35 -39.00 -16.00
CA ASP C 95 -3.36 -40.46 -16.21
C ASP C 95 -3.34 -41.11 -14.83
N THR C 96 -4.53 -41.45 -14.37
CA THR C 96 -4.79 -41.96 -13.03
C THR C 96 -6.12 -42.69 -13.20
N GLU C 97 -6.11 -43.99 -12.92
CA GLU C 97 -7.31 -44.84 -13.11
C GLU C 97 -7.95 -45.26 -11.76
N GLU C 98 -7.23 -46.04 -10.95
CA GLU C 98 -7.68 -46.43 -9.60
C GLU C 98 -6.98 -45.54 -8.57
N SER C 99 -7.77 -44.93 -7.67
CA SER C 99 -7.23 -44.06 -6.61
C SER C 99 -8.13 -43.96 -5.40
N ALA C 100 -7.48 -43.66 -4.28
CA ALA C 100 -8.13 -43.37 -2.99
C ALA C 100 -9.26 -42.32 -3.01
N HIS C 101 -9.23 -41.40 -3.99
CA HIS C 101 -10.07 -40.18 -4.02
C HIS C 101 -11.21 -40.21 -5.04
N HIS C 102 -12.20 -39.33 -4.85
CA HIS C 102 -13.42 -39.24 -5.68
C HIS C 102 -13.33 -38.10 -6.73
N GLU C 103 -13.23 -38.46 -8.02
CA GLU C 103 -13.29 -37.48 -9.14
C GLU C 103 -14.64 -36.77 -9.24
N VAL C 104 -14.64 -35.60 -9.88
CA VAL C 104 -15.84 -34.76 -10.00
C VAL C 104 -16.02 -34.27 -11.43
N GLU C 105 -17.28 -34.24 -11.86
CA GLU C 105 -17.62 -33.98 -13.25
C GLU C 105 -17.55 -32.50 -13.50
N LEU C 106 -16.59 -32.08 -14.31
CA LEU C 106 -16.46 -30.67 -14.71
C LEU C 106 -16.52 -30.37 -16.22
N GLU C 107 -17.48 -29.55 -16.65
CA GLU C 107 -17.50 -29.07 -18.06
C GLU C 107 -16.53 -27.90 -18.20
N SER C 108 -15.48 -28.03 -19.03
CA SER C 108 -14.37 -27.01 -19.12
C SER C 108 -14.52 -25.90 -20.17
N ASP C 109 -14.09 -24.70 -19.79
CA ASP C 109 -14.29 -23.49 -20.62
C ASP C 109 -13.00 -22.66 -20.75
N LEU C 110 -12.32 -22.79 -21.89
CA LEU C 110 -10.98 -22.20 -22.05
C LEU C 110 -10.99 -20.82 -22.73
N SER C 114 -7.27 -15.37 -23.65
CA SER C 114 -7.62 -16.80 -23.58
C SER C 114 -6.74 -17.71 -22.66
N ALA C 115 -6.19 -17.13 -21.59
CA ALA C 115 -5.35 -17.87 -20.64
C ALA C 115 -6.05 -18.30 -19.31
N GLU C 116 -7.27 -17.83 -19.07
CA GLU C 116 -8.07 -18.21 -17.93
C GLU C 116 -8.89 -19.44 -18.30
N VAL C 117 -8.89 -20.44 -17.42
CA VAL C 117 -9.77 -21.61 -17.55
C VAL C 117 -10.75 -21.61 -16.39
N THR C 118 -12.01 -21.85 -16.69
CA THR C 118 -12.98 -22.02 -15.64
C THR C 118 -13.55 -23.41 -15.78
N LEU C 119 -13.24 -24.27 -14.83
CA LEU C 119 -13.84 -25.58 -14.75
C LEU C 119 -15.19 -25.39 -14.08
N HIS C 120 -16.25 -25.98 -14.65
CA HIS C 120 -17.63 -25.86 -14.14
C HIS C 120 -18.19 -27.19 -13.64
N SER C 121 -18.95 -27.14 -12.54
CA SER C 121 -19.84 -28.25 -12.20
C SER C 121 -21.28 -27.73 -12.17
N ASP C 122 -22.23 -28.58 -12.56
CA ASP C 122 -23.66 -28.20 -12.54
C ASP C 122 -24.09 -28.07 -11.07
N GLU C 123 -23.89 -29.18 -10.32
CA GLU C 123 -24.13 -29.28 -8.89
C GLU C 123 -23.10 -28.43 -8.09
N PRO C 124 -23.54 -27.76 -6.97
CA PRO C 124 -22.54 -27.06 -6.16
C PRO C 124 -21.67 -28.09 -5.45
N LEU C 125 -20.37 -27.84 -5.39
CA LEU C 125 -19.46 -28.78 -4.75
C LEU C 125 -19.69 -28.90 -3.23
N PRO C 126 -19.65 -30.15 -2.70
CA PRO C 126 -19.71 -30.34 -1.25
C PRO C 126 -18.35 -30.02 -0.62
N ALA C 127 -18.37 -29.80 0.68
CA ALA C 127 -17.17 -29.68 1.46
C ALA C 127 -16.09 -30.72 1.15
N GLY C 128 -14.83 -30.26 1.07
CA GLY C 128 -13.70 -31.17 0.96
C GLY C 128 -12.33 -30.55 0.72
N ALA C 129 -11.28 -31.33 0.97
CA ALA C 129 -9.97 -30.99 0.45
C ALA C 129 -10.00 -31.34 -1.04
N TYR C 130 -9.72 -30.36 -1.91
CA TYR C 130 -9.72 -30.63 -3.34
C TYR C 130 -8.34 -30.55 -4.03
N ALA C 131 -8.22 -31.32 -5.12
CA ALA C 131 -7.07 -31.27 -6.06
C ALA C 131 -7.62 -31.08 -7.47
N VAL C 132 -6.96 -30.21 -8.21
CA VAL C 132 -7.21 -30.01 -9.62
C VAL C 132 -5.89 -30.33 -10.26
N VAL C 133 -5.96 -31.07 -11.34
CA VAL C 133 -4.75 -31.59 -11.94
C VAL C 133 -4.89 -31.41 -13.47
N TRP C 134 -3.77 -31.12 -14.15
CA TRP C 134 -3.83 -30.79 -15.58
C TRP C 134 -2.62 -31.29 -16.38
N ARG C 135 -2.89 -31.60 -17.64
CA ARG C 135 -1.86 -31.64 -18.70
C ARG C 135 -2.34 -30.63 -19.73
N VAL C 136 -1.42 -29.72 -20.05
CA VAL C 136 -1.74 -28.46 -20.69
C VAL C 136 -0.70 -28.12 -21.79
N LEU C 137 -1.21 -27.89 -23.02
CA LEU C 137 -0.40 -27.62 -24.22
C LEU C 137 -0.40 -26.14 -24.56
N SER C 138 0.78 -25.51 -24.52
CA SER C 138 0.91 -24.16 -25.06
C SER C 138 1.01 -24.18 -26.61
N VAL C 139 0.95 -22.99 -27.22
CA VAL C 139 0.98 -22.79 -28.70
C VAL C 139 2.36 -23.00 -29.36
N ASP C 140 3.41 -23.08 -28.54
CA ASP C 140 4.77 -23.48 -28.92
C ASP C 140 4.98 -24.99 -28.92
N GLY C 141 3.91 -25.75 -28.63
CA GLY C 141 3.94 -27.20 -28.57
C GLY C 141 4.52 -27.85 -27.31
N HIS C 142 4.85 -27.04 -26.30
CA HIS C 142 5.34 -27.59 -25.01
C HIS C 142 4.19 -27.98 -24.10
N THR C 143 4.35 -29.12 -23.44
CA THR C 143 3.41 -29.55 -22.38
C THR C 143 3.94 -29.25 -20.96
N THR C 144 3.00 -28.94 -20.08
CA THR C 144 3.26 -28.67 -18.67
C THR C 144 2.12 -29.32 -17.93
N THR C 145 2.51 -30.05 -16.89
CA THR C 145 1.57 -30.62 -15.93
C THR C 145 1.75 -29.91 -14.60
N GLY C 146 0.68 -29.92 -13.82
CA GLY C 146 0.69 -29.43 -12.45
C GLY C 146 -0.60 -29.71 -11.70
N PHE C 147 -0.63 -29.24 -10.45
CA PHE C 147 -1.80 -29.37 -9.58
C PHE C 147 -2.03 -28.08 -8.77
N HIS C 148 -3.26 -27.91 -8.31
CA HIS C 148 -3.57 -26.84 -7.39
C HIS C 148 -4.54 -27.41 -6.39
N ALA C 149 -4.18 -27.42 -5.11
CA ALA C 149 -5.06 -28.01 -4.06
C ALA C 149 -5.62 -26.92 -3.18
N PHE C 150 -6.79 -27.16 -2.63
CA PHE C 150 -7.43 -26.23 -1.68
C PHE C 150 -8.34 -26.98 -0.70
N VAL C 151 -8.80 -26.29 0.35
CA VAL C 151 -9.78 -26.87 1.24
C VAL C 151 -11.03 -26.01 1.32
N HIS C 152 -12.16 -26.62 0.96
CA HIS C 152 -13.50 -26.01 0.92
C HIS C 152 -14.12 -26.59 2.16
N ALA C 153 -14.49 -25.72 3.08
CA ALA C 153 -14.83 -26.13 4.43
C ALA C 153 -16.29 -25.94 4.65
N GLY C 154 -17.06 -25.82 3.57
CA GLY C 154 -18.51 -25.68 3.64
C GLY C 154 -19.00 -24.26 3.83
N GLY C 155 -19.95 -24.08 4.74
CA GLY C 155 -20.65 -22.79 4.92
C GLY C 155 -21.97 -22.78 4.16
N THR C 156 -22.70 -21.67 4.25
CA THR C 156 -24.04 -21.53 3.62
C THR C 156 -24.12 -20.31 2.68
N ALA C 157 -25.06 -20.34 1.71
CA ALA C 157 -25.26 -19.31 0.64
C ALA C 157 -25.30 -17.85 1.12
N HIS D 31 -4.14 -27.32 37.91
CA HIS D 31 -4.63 -26.79 36.59
C HIS D 31 -5.03 -27.89 35.64
N ALA D 32 -6.25 -27.78 35.12
CA ALA D 32 -6.77 -28.75 34.17
C ALA D 32 -6.48 -28.32 32.71
N HIS D 33 -5.37 -28.81 32.14
CA HIS D 33 -4.98 -28.50 30.76
C HIS D 33 -5.39 -29.60 29.76
N LEU D 34 -5.66 -29.21 28.49
CA LEU D 34 -5.96 -30.18 27.43
C LEU D 34 -4.68 -30.96 27.07
N ARG D 35 -4.77 -32.28 27.18
CA ARG D 35 -3.66 -33.16 26.88
C ARG D 35 -3.92 -33.86 25.54
N ALA D 36 -5.21 -34.07 25.21
CA ALA D 36 -5.68 -34.75 23.99
C ALA D 36 -7.17 -34.52 23.62
N ALA D 37 -7.49 -34.63 22.33
CA ALA D 37 -8.83 -34.32 21.82
C ALA D 37 -9.13 -35.05 20.49
N ASP D 38 -10.43 -35.24 20.24
CA ASP D 38 -10.91 -35.86 19.04
C ASP D 38 -12.23 -35.24 18.63
N PRO D 39 -12.32 -34.61 17.44
CA PRO D 39 -11.27 -34.54 16.42
C PRO D 39 -9.96 -33.93 16.92
N PRO D 40 -8.79 -34.35 16.38
CA PRO D 40 -7.55 -33.68 16.82
C PRO D 40 -7.32 -32.33 16.09
N GLU D 41 -6.17 -31.70 16.34
CA GLU D 41 -5.87 -30.43 15.75
C GLU D 41 -5.33 -30.64 14.33
N ALA D 42 -6.28 -30.76 13.39
CA ALA D 42 -6.02 -31.05 11.97
C ALA D 42 -7.25 -30.88 11.07
N ILE D 43 -7.01 -31.13 9.78
CA ILE D 43 -8.06 -31.18 8.78
C ILE D 43 -8.41 -32.62 8.57
N VAL D 44 -9.68 -32.93 8.77
CA VAL D 44 -10.15 -34.31 8.81
C VAL D 44 -11.49 -34.41 8.12
N ASP D 45 -11.67 -35.54 7.43
CA ASP D 45 -12.98 -35.96 6.90
C ASP D 45 -13.70 -36.63 8.05
N ALA D 46 -14.88 -36.10 8.38
CA ALA D 46 -15.68 -36.64 9.49
C ALA D 46 -17.16 -36.54 9.15
N ALA D 47 -17.59 -37.48 8.30
CA ALA D 47 -18.92 -37.45 7.66
C ALA D 47 -20.06 -37.04 8.61
N GLY D 48 -20.40 -37.93 9.53
CA GLY D 48 -21.34 -37.65 10.61
C GLY D 48 -20.53 -37.46 11.88
N LEU D 49 -20.30 -36.20 12.23
CA LEU D 49 -19.68 -35.87 13.49
C LEU D 49 -20.79 -35.42 14.42
N ARG D 50 -20.94 -36.17 15.52
CA ARG D 50 -21.93 -35.87 16.56
C ARG D 50 -21.26 -35.76 17.98
N GLU D 51 -20.10 -36.40 18.11
CA GLU D 51 -19.28 -36.49 19.32
C GLU D 51 -17.94 -35.74 19.24
N ILE D 52 -17.75 -34.74 20.12
CA ILE D 52 -16.41 -34.12 20.35
C ILE D 52 -15.87 -34.55 21.73
N ARG D 53 -14.69 -35.16 21.74
CA ARG D 53 -14.04 -35.61 22.96
C ARG D 53 -12.85 -34.76 23.41
N LEU D 54 -12.88 -34.36 24.69
CA LEU D 54 -11.76 -33.69 25.33
C LEU D 54 -11.16 -34.55 26.43
N VAL D 55 -9.84 -34.66 26.45
CA VAL D 55 -9.13 -35.27 27.58
C VAL D 55 -8.24 -34.24 28.26
N PHE D 56 -8.52 -34.02 29.55
CA PHE D 56 -7.82 -33.03 30.36
C PHE D 56 -6.76 -33.65 31.27
N SER D 57 -5.71 -32.88 31.61
CA SER D 57 -4.57 -33.38 32.44
C SER D 57 -4.88 -33.74 33.90
N GLU D 58 -5.96 -33.14 34.42
CA GLU D 58 -6.52 -33.46 35.73
C GLU D 58 -8.02 -33.65 35.54
N PRO D 59 -8.72 -34.29 36.53
CA PRO D 59 -10.18 -34.25 36.46
C PRO D 59 -10.76 -32.84 36.64
N VAL D 60 -12.07 -32.74 36.38
CA VAL D 60 -12.73 -31.49 36.09
C VAL D 60 -14.16 -31.56 36.69
N VAL D 61 -14.58 -30.48 37.34
CA VAL D 61 -15.85 -30.45 38.08
C VAL D 61 -17.04 -30.10 37.15
N ASP D 62 -17.93 -31.07 36.94
CA ASP D 62 -19.11 -30.90 36.07
C ASP D 62 -19.98 -29.70 36.42
N ARG D 63 -20.35 -29.62 37.70
CA ARG D 63 -21.22 -28.57 38.17
C ARG D 63 -20.65 -27.17 37.84
N PHE D 64 -19.32 -27.03 37.87
CA PHE D 64 -18.70 -25.71 37.60
C PHE D 64 -17.81 -25.61 36.36
N SER D 65 -18.11 -26.42 35.34
CA SER D 65 -17.41 -26.36 34.06
C SER D 65 -18.37 -26.04 32.90
N THR D 66 -18.01 -25.07 32.04
CA THR D 66 -18.78 -24.83 30.80
C THR D 66 -17.99 -25.05 29.52
N PHE D 67 -18.70 -25.57 28.53
CA PHE D 67 -18.19 -25.88 27.21
C PHE D 67 -19.10 -25.25 26.14
N ARG D 68 -18.50 -24.56 25.17
CA ARG D 68 -19.23 -24.04 24.03
C ARG D 68 -18.47 -24.36 22.75
N ALA D 69 -19.19 -24.30 21.63
CA ALA D 69 -18.62 -24.69 20.35
C ALA D 69 -19.19 -23.87 19.19
N PHE D 70 -18.32 -23.46 18.27
CA PHE D 70 -18.71 -22.57 17.17
C PHE D 70 -18.13 -23.07 15.88
N ARG D 71 -18.91 -22.98 14.80
CA ARG D 71 -18.37 -23.03 13.48
C ARG D 71 -17.75 -21.67 13.20
N LEU D 72 -16.45 -21.65 12.89
CA LEU D 72 -15.72 -20.41 12.54
C LEU D 72 -16.08 -19.96 11.12
N SER D 73 -16.49 -18.70 10.95
CA SER D 73 -16.66 -18.12 9.62
C SER D 73 -15.35 -17.50 9.20
N LEU D 74 -14.67 -18.20 8.31
CA LEU D 74 -13.29 -17.91 7.92
C LEU D 74 -13.17 -16.58 7.18
N PRO D 75 -11.96 -15.98 7.12
CA PRO D 75 -11.84 -14.81 6.25
C PRO D 75 -12.15 -15.13 4.79
N GLU D 76 -12.62 -14.13 4.04
CA GLU D 76 -12.83 -14.27 2.58
C GLU D 76 -11.74 -14.95 1.78
N ASN D 77 -10.47 -14.73 2.14
CA ASN D 77 -9.31 -15.30 1.39
C ASN D 77 -8.69 -16.44 2.20
N GLY D 78 -9.42 -16.84 3.25
CA GLY D 78 -9.14 -18.05 4.02
C GLY D 78 -7.88 -18.04 4.86
N ILE D 79 -7.67 -19.17 5.54
CA ILE D 79 -6.48 -19.36 6.33
C ILE D 79 -5.56 -20.35 5.63
N ARG D 80 -4.28 -20.33 6.00
CA ARG D 80 -3.22 -21.07 5.33
C ARG D 80 -2.56 -22.10 6.23
N ASN D 81 -2.82 -22.04 7.52
CA ASN D 81 -2.36 -23.09 8.44
C ASN D 81 -3.13 -23.09 9.77
N LEU D 82 -2.65 -23.90 10.69
CA LEU D 82 -3.29 -24.13 11.96
C LEU D 82 -3.03 -23.03 12.99
N THR D 83 -1.93 -22.31 12.83
CA THR D 83 -1.66 -21.16 13.71
C THR D 83 -2.78 -20.13 13.53
N GLN D 84 -3.16 -19.93 12.27
CA GLN D 84 -4.25 -19.01 11.91
C GLN D 84 -5.63 -19.54 12.34
N LEU D 85 -5.81 -20.87 12.37
CA LEU D 85 -7.03 -21.45 12.96
C LEU D 85 -7.11 -21.03 14.40
N ASN D 86 -6.07 -21.35 15.16
CA ASN D 86 -5.95 -20.99 16.56
C ASN D 86 -6.14 -19.49 16.87
N THR D 87 -5.43 -18.62 16.14
CA THR D 87 -5.60 -17.21 16.39
C THR D 87 -7.09 -16.89 16.33
N LEU D 88 -7.73 -17.28 15.24
CA LEU D 88 -9.11 -16.93 14.97
C LEU D 88 -9.99 -17.53 16.06
N ALA D 89 -9.72 -18.79 16.41
CA ALA D 89 -10.51 -19.46 17.45
C ALA D 89 -10.41 -18.76 18.80
N SER D 90 -9.23 -18.24 19.13
CA SER D 90 -9.00 -17.61 20.43
C SER D 90 -9.73 -16.27 20.73
N GLU D 91 -10.38 -15.66 19.75
CA GLU D 91 -11.20 -14.45 20.01
C GLU D 91 -12.48 -14.82 20.75
N LEU D 92 -12.82 -16.11 20.67
CA LEU D 92 -13.93 -16.68 21.44
C LEU D 92 -13.45 -17.23 22.81
N GLY D 93 -14.43 -17.62 23.62
CA GLY D 93 -14.19 -18.06 24.98
C GLY D 93 -15.58 -18.22 25.53
N VAL D 94 -15.67 -18.92 26.66
CA VAL D 94 -16.97 -19.32 27.24
C VAL D 94 -17.91 -18.14 27.49
N ASP D 95 -17.30 -16.97 27.66
CA ASP D 95 -18.01 -15.75 27.95
C ASP D 95 -18.74 -15.13 26.74
N THR D 96 -18.12 -15.18 25.55
CA THR D 96 -18.57 -14.39 24.35
C THR D 96 -20.08 -14.40 24.03
N GLU D 97 -20.50 -13.27 23.42
CA GLU D 97 -21.91 -12.87 23.23
C GLU D 97 -22.35 -12.95 21.77
N GLU D 98 -22.48 -11.81 21.10
CA GLU D 98 -22.59 -11.74 19.63
C GLU D 98 -21.16 -11.78 19.10
N SER D 99 -20.96 -12.52 18.01
CA SER D 99 -19.68 -12.56 17.29
C SER D 99 -19.91 -12.96 15.84
N ALA D 100 -18.86 -12.83 15.03
CA ALA D 100 -18.82 -13.30 13.64
C ALA D 100 -19.20 -14.78 13.45
N HIS D 101 -19.05 -15.57 14.51
CA HIS D 101 -19.19 -17.00 14.37
C HIS D 101 -20.59 -17.53 14.79
N HIS D 102 -20.82 -18.82 14.53
CA HIS D 102 -22.13 -19.40 14.65
C HIS D 102 -22.08 -20.59 15.61
N GLU D 103 -22.82 -20.47 16.71
CA GLU D 103 -22.82 -21.46 17.80
C GLU D 103 -23.55 -22.77 17.42
N VAL D 104 -23.00 -23.89 17.89
CA VAL D 104 -23.60 -25.19 17.72
C VAL D 104 -23.99 -25.67 19.13
N GLU D 105 -25.30 -25.81 19.42
CA GLU D 105 -25.81 -26.29 20.75
C GLU D 105 -25.23 -27.67 21.10
N LEU D 106 -24.64 -27.78 22.31
CA LEU D 106 -24.03 -29.05 22.76
C LEU D 106 -24.57 -29.60 24.08
N GLU D 107 -24.45 -30.92 24.29
CA GLU D 107 -24.79 -31.61 25.57
C GLU D 107 -23.55 -32.24 26.22
N SER D 108 -23.22 -31.74 27.41
CA SER D 108 -22.10 -32.25 28.20
C SER D 108 -22.42 -33.66 28.71
N ASP D 109 -21.39 -34.49 28.80
CA ASP D 109 -21.52 -35.84 29.33
C ASP D 109 -20.33 -36.10 30.23
N LEU D 110 -20.57 -36.10 31.54
CA LEU D 110 -19.45 -36.10 32.49
C LEU D 110 -19.52 -37.08 33.70
N SER D 112 -19.82 -35.96 37.23
CA SER D 112 -19.39 -35.28 38.47
C SER D 112 -17.96 -34.75 38.37
N GLN D 113 -17.00 -35.68 38.34
CA GLN D 113 -15.58 -35.38 38.14
C GLN D 113 -15.06 -36.37 37.13
N SER D 114 -14.19 -35.89 36.26
CA SER D 114 -13.69 -36.69 35.12
C SER D 114 -12.65 -35.91 34.36
N ALA D 115 -11.60 -36.59 33.93
CA ALA D 115 -10.62 -35.97 33.03
C ALA D 115 -11.08 -36.12 31.57
N GLU D 116 -12.09 -36.98 31.35
CA GLU D 116 -12.60 -37.28 30.02
C GLU D 116 -14.04 -36.68 29.71
N VAL D 117 -14.08 -35.48 29.10
CA VAL D 117 -15.33 -34.79 28.69
C VAL D 117 -15.74 -35.14 27.27
N THR D 118 -17.03 -35.45 27.08
CA THR D 118 -17.59 -35.83 25.79
C THR D 118 -18.79 -34.93 25.42
N LEU D 119 -18.76 -34.34 24.22
CA LEU D 119 -19.74 -33.33 23.80
C LEU D 119 -20.65 -33.83 22.66
N HIS D 120 -21.96 -33.69 22.81
CA HIS D 120 -22.94 -34.28 21.86
C HIS D 120 -23.73 -33.25 21.11
N SER D 121 -24.08 -33.56 19.86
CA SER D 121 -25.22 -32.91 19.22
C SER D 121 -26.09 -34.01 18.58
N ASP D 122 -27.41 -33.85 18.69
CA ASP D 122 -28.39 -34.81 18.15
C ASP D 122 -28.14 -35.12 16.65
N GLU D 123 -28.23 -34.07 15.82
CA GLU D 123 -27.90 -34.12 14.39
C GLU D 123 -26.36 -34.03 14.16
N PRO D 124 -25.83 -34.55 13.02
CA PRO D 124 -24.39 -34.35 12.82
C PRO D 124 -24.04 -32.89 12.50
N LEU D 125 -22.75 -32.59 12.53
CA LEU D 125 -22.24 -31.24 12.34
C LEU D 125 -21.97 -30.95 10.87
N PRO D 126 -22.45 -29.79 10.35
CA PRO D 126 -21.95 -29.38 9.00
C PRO D 126 -20.39 -29.26 8.95
N ALA D 127 -19.81 -29.40 7.76
CA ALA D 127 -18.36 -29.16 7.63
C ALA D 127 -18.02 -27.72 8.05
N GLY D 128 -16.83 -27.57 8.63
CA GLY D 128 -16.32 -26.25 8.91
C GLY D 128 -15.05 -26.28 9.72
N ALA D 129 -14.49 -25.09 9.95
CA ALA D 129 -13.54 -24.87 11.03
C ALA D 129 -14.36 -24.68 12.29
N TYR D 130 -14.01 -25.43 13.34
CA TYR D 130 -14.70 -25.32 14.63
C TYR D 130 -13.75 -24.90 15.76
N ALA D 131 -14.28 -24.13 16.71
CA ALA D 131 -13.62 -23.88 17.99
C ALA D 131 -14.48 -24.36 19.18
N VAL D 132 -13.87 -25.17 20.04
CA VAL D 132 -14.46 -25.57 21.31
C VAL D 132 -13.76 -24.66 22.32
N VAL D 133 -14.54 -23.92 23.10
CA VAL D 133 -13.98 -23.08 24.18
C VAL D 133 -14.55 -23.50 25.54
N TRP D 134 -13.71 -23.47 26.57
CA TRP D 134 -14.18 -23.82 27.90
C TRP D 134 -13.77 -22.87 29.01
N ARG D 135 -14.50 -22.97 30.13
CA ARG D 135 -14.05 -22.60 31.50
C ARG D 135 -14.23 -23.86 32.34
N VAL D 136 -13.14 -24.34 32.95
CA VAL D 136 -13.15 -25.56 33.77
C VAL D 136 -12.53 -25.42 35.17
N LEU D 137 -13.28 -25.92 36.15
CA LEU D 137 -12.77 -26.12 37.51
C LEU D 137 -12.08 -27.46 37.65
N SER D 138 -10.78 -27.42 37.93
CA SER D 138 -10.03 -28.62 38.27
C SER D 138 -10.43 -29.15 39.65
N VAL D 139 -10.08 -30.41 39.94
CA VAL D 139 -10.27 -30.96 41.30
C VAL D 139 -9.25 -30.36 42.28
N ASP D 140 -8.13 -29.88 41.74
CA ASP D 140 -7.13 -29.13 42.49
C ASP D 140 -7.66 -27.72 42.90
N GLY D 141 -8.86 -27.38 42.43
CA GLY D 141 -9.51 -26.12 42.82
C GLY D 141 -9.34 -24.94 41.87
N HIS D 142 -8.43 -25.09 40.91
CA HIS D 142 -8.14 -24.04 39.94
C HIS D 142 -9.08 -23.96 38.71
N THR D 143 -9.37 -22.72 38.31
CA THR D 143 -10.15 -22.43 37.12
C THR D 143 -9.16 -22.10 36.00
N THR D 144 -9.35 -22.74 34.86
CA THR D 144 -8.66 -22.40 33.63
C THR D 144 -9.68 -22.17 32.51
N THR D 145 -9.22 -21.45 31.49
CA THR D 145 -9.93 -21.39 30.23
C THR D 145 -9.00 -21.82 29.10
N GLY D 146 -9.59 -22.23 27.99
CA GLY D 146 -8.82 -22.69 26.85
C GLY D 146 -9.74 -22.96 25.69
N PHE D 147 -9.13 -23.35 24.57
CA PHE D 147 -9.86 -23.67 23.35
C PHE D 147 -9.18 -24.82 22.59
N HIS D 148 -9.99 -25.52 21.79
CA HIS D 148 -9.49 -26.48 20.81
C HIS D 148 -10.14 -26.23 19.41
N ALA D 149 -9.32 -26.24 18.36
CA ALA D 149 -9.80 -25.95 16.99
C ALA D 149 -9.40 -27.05 16.03
N PHE D 150 -10.26 -27.32 15.07
CA PHE D 150 -10.00 -28.36 14.06
C PHE D 150 -10.78 -27.91 12.84
N VAL D 151 -10.51 -28.58 11.70
CA VAL D 151 -11.26 -28.32 10.47
C VAL D 151 -11.92 -29.62 10.05
N HIS D 152 -13.24 -29.55 10.01
CA HIS D 152 -14.02 -30.70 9.61
C HIS D 152 -14.33 -30.52 8.13
N ALA D 153 -13.64 -31.34 7.34
CA ALA D 153 -13.72 -31.24 5.87
C ALA D 153 -14.98 -31.88 5.20
N GLY D 154 -15.81 -32.60 5.97
CA GLY D 154 -16.97 -33.36 5.43
C GLY D 154 -16.53 -34.80 5.21
N GLY D 155 -17.09 -35.48 4.17
CA GLY D 155 -16.67 -36.85 3.82
C GLY D 155 -17.69 -37.75 3.12
#